data_1M8H
#
_entry.id   1M8H
#
_cell.length_a   213.652
_cell.length_b   213.652
_cell.length_c   114.521
_cell.angle_alpha   90.00
_cell.angle_beta   90.00
_cell.angle_gamma   120.00
#
_symmetry.space_group_name_H-M   'P 61 2 2'
#
loop_
_entity.id
_entity.type
_entity.pdbx_description
1 polymer 'inducible Nitric oxide synthase'
2 non-polymer 'SULFATE ION'
3 non-polymer 'PROTOPORPHYRIN IX CONTAINING FE'
4 non-polymer 5,6,7,8-TETRAHYDROBIOPTERIN
5 non-polymer 6-NITROINDAZOLE
6 water water
#
_entity_poly.entity_id   1
_entity_poly.type   'polypeptide(L)'
_entity_poly.pdbx_seq_one_letter_code
;SLDKLHVTSTRPQYVRIKNWGSGEILHDTLHHKATSDFTCKSKSCLGSIMNPKSLTRGPRDKPTPLEELLPHAIEFINQY
YGSFKEAKIEEHLARLEAVTKEIETTGTYQLTLDELIFATKMAWRNAPRCIGRIQWSNLQVFDARNCSTAQEMFQHICRH
ILYATNNGNIRSAITVFPQRSDGKHDFRLWNSQLIRYAGYQMPDGTIRGDAATLEFTQLCIDLGWKPRYGRFDVLPLVLQ
ADGQDPEVFEIPPDLVLEVTMEHPKYEWFQELGLKWYALPAVANMLLEVGGLEFPACPFNGWYMGTEIGVRDFCDTQRYN
ILEEVGRRMGLETHTLASLWKDRAVTEINVAVLHSFQKQNVTIMDHHTASESFMKHMQNEYRARGGCPADWIWLVPPVSG
SITPVFHQEMLNYVLSPFYYYQIEPWKTHIWQNE
;
_entity_poly.pdbx_strand_id   A,B
#
# COMPACT_ATOMS: atom_id res chain seq x y z
N GLN A 13 -11.53 24.23 50.66
CA GLN A 13 -12.54 23.25 51.00
C GLN A 13 -13.16 22.63 49.74
N TYR A 14 -13.58 23.50 48.81
CA TYR A 14 -14.20 23.09 47.55
C TYR A 14 -14.17 24.24 46.53
N VAL A 15 -14.93 24.11 45.43
CA VAL A 15 -14.97 25.17 44.41
C VAL A 15 -16.39 25.57 43.96
N ARG A 16 -16.73 26.86 44.11
CA ARG A 16 -18.04 27.38 43.69
C ARG A 16 -18.08 27.38 42.15
N ILE A 17 -19.23 27.01 41.61
CA ILE A 17 -19.45 26.95 40.17
C ILE A 17 -20.80 27.59 39.87
N LYS A 18 -20.80 28.64 39.07
CA LYS A 18 -22.03 29.36 38.75
C LYS A 18 -22.63 29.02 37.41
N ASN A 19 -23.96 28.94 37.38
CA ASN A 19 -24.70 28.69 36.15
C ASN A 19 -25.32 30.04 35.73
N TRP A 20 -24.55 30.81 34.97
CA TRP A 20 -24.96 32.14 34.50
C TRP A 20 -26.35 32.30 33.87
N GLY A 21 -27.14 31.23 33.86
CA GLY A 21 -28.46 31.31 33.29
C GLY A 21 -29.52 31.31 34.38
N SER A 22 -29.47 30.31 35.25
CA SER A 22 -30.39 30.17 36.38
C SER A 22 -29.79 30.85 37.59
N GLY A 23 -28.54 31.28 37.45
CA GLY A 23 -27.82 31.94 38.53
C GLY A 23 -27.40 31.03 39.66
N GLU A 24 -27.92 29.81 39.69
CA GLU A 24 -27.60 28.86 40.75
C GLU A 24 -26.10 28.54 40.92
N ILE A 25 -25.69 28.28 42.16
CA ILE A 25 -24.30 27.94 42.46
C ILE A 25 -24.16 26.48 42.93
N LEU A 26 -22.99 25.91 42.67
CA LEU A 26 -22.68 24.52 43.03
C LEU A 26 -21.30 24.43 43.70
N HIS A 27 -21.12 23.41 44.54
CA HIS A 27 -19.85 23.22 45.24
C HIS A 27 -19.18 21.92 44.81
N ASP A 28 -18.09 22.02 44.07
CA ASP A 28 -17.41 20.81 43.61
C ASP A 28 -16.36 20.30 44.59
N THR A 29 -16.71 19.21 45.29
CA THR A 29 -15.83 18.59 46.28
C THR A 29 -15.17 17.35 45.66
N LEU A 30 -15.69 16.93 44.51
CA LEU A 30 -15.20 15.74 43.82
C LEU A 30 -13.88 15.89 43.09
N HIS A 31 -13.53 17.11 42.70
CA HIS A 31 -12.29 17.32 41.97
C HIS A 31 -11.05 16.92 42.76
N HIS A 32 -11.21 16.78 44.07
CA HIS A 32 -10.11 16.39 44.95
C HIS A 32 -9.62 14.98 44.68
N LYS A 33 -10.47 14.15 44.09
CA LYS A 33 -10.14 12.76 43.80
C LYS A 33 -9.52 12.56 42.41
N ALA A 34 -9.01 13.64 41.83
CA ALA A 34 -8.40 13.62 40.51
C ALA A 34 -7.00 13.04 40.55
N THR A 35 -6.30 13.13 39.43
CA THR A 35 -4.93 12.63 39.32
C THR A 35 -3.91 13.79 39.29
N SER A 36 -3.47 14.14 38.08
CA SER A 36 -2.49 15.22 37.89
C SER A 36 -2.72 15.94 36.55
N CYS A 45 -1.70 27.48 28.96
CA CYS A 45 -2.85 26.66 29.34
C CYS A 45 -3.48 25.92 28.16
N LEU A 46 -3.39 24.59 28.23
CA LEU A 46 -3.91 23.66 27.23
C LEU A 46 -5.44 23.72 27.17
N GLY A 47 -5.95 24.72 26.46
CA GLY A 47 -7.38 24.90 26.34
C GLY A 47 -8.04 24.01 25.32
N SER A 48 -7.93 24.38 24.06
CA SER A 48 -8.55 23.64 22.97
C SER A 48 -7.72 22.55 22.32
N ILE A 49 -6.99 21.78 23.10
CA ILE A 49 -6.19 20.69 22.53
C ILE A 49 -7.06 19.44 22.48
N MET A 50 -7.08 18.80 21.31
CA MET A 50 -7.89 17.61 21.12
C MET A 50 -7.42 16.36 21.85
N ASN A 51 -6.18 15.95 21.56
CA ASN A 51 -5.57 14.76 22.17
C ASN A 51 -4.40 15.14 23.08
N PRO A 52 -4.69 15.75 24.24
CA PRO A 52 -3.60 16.12 25.15
C PRO A 52 -3.02 14.85 25.77
N LYS A 53 -1.72 14.84 26.03
CA LYS A 53 -1.08 13.67 26.63
C LYS A 53 -1.72 13.29 27.96
N SER A 54 -2.33 14.28 28.62
CA SER A 54 -2.98 14.07 29.91
C SER A 54 -4.18 13.14 29.82
N LEU A 55 -4.75 13.03 28.63
CA LEU A 55 -5.92 12.18 28.36
C LEU A 55 -5.60 10.88 27.62
N THR A 56 -4.32 10.59 27.45
CA THR A 56 -3.89 9.39 26.75
C THR A 56 -3.17 8.41 27.67
N ARG A 57 -3.41 7.12 27.46
CA ARG A 57 -2.76 6.07 28.23
C ARG A 57 -2.14 5.15 27.18
N GLY A 58 -0.86 5.36 26.91
CA GLY A 58 -0.17 4.59 25.90
C GLY A 58 0.34 3.18 26.19
N PRO A 59 1.18 2.66 25.29
CA PRO A 59 1.78 1.33 25.35
C PRO A 59 2.81 1.20 26.48
N ARG A 60 3.08 -0.05 26.85
CA ARG A 60 4.05 -0.38 27.89
C ARG A 60 4.50 -1.80 27.56
N ASP A 61 5.78 -2.11 27.77
CA ASP A 61 6.29 -3.45 27.49
C ASP A 61 6.86 -4.16 28.72
N LYS A 62 6.24 -3.89 29.87
CA LYS A 62 6.59 -4.48 31.15
C LYS A 62 5.30 -4.42 31.95
N PRO A 63 5.07 -5.40 32.81
CA PRO A 63 3.83 -5.40 33.61
C PRO A 63 3.68 -4.14 34.45
N THR A 64 2.56 -4.02 35.13
CA THR A 64 2.27 -2.86 35.97
C THR A 64 2.81 -3.04 37.40
N PRO A 65 4.03 -2.52 37.68
CA PRO A 65 4.73 -2.57 38.96
C PRO A 65 3.84 -2.70 40.19
N LEU A 66 3.99 -3.83 40.87
CA LEU A 66 3.18 -4.20 42.05
C LEU A 66 2.84 -3.11 43.06
N GLU A 67 3.78 -2.23 43.34
CA GLU A 67 3.57 -1.15 44.29
C GLU A 67 2.55 -0.15 43.76
N GLU A 68 2.51 0.02 42.44
CA GLU A 68 1.54 0.93 41.83
C GLU A 68 0.19 0.20 41.81
N LEU A 69 0.18 -1.00 41.23
CA LEU A 69 -1.03 -1.81 41.10
C LEU A 69 -1.82 -2.03 42.38
N LEU A 70 -1.14 -2.45 43.45
CA LEU A 70 -1.83 -2.74 44.71
C LEU A 70 -2.72 -1.63 45.31
N PRO A 71 -2.21 -0.38 45.39
CA PRO A 71 -2.98 0.74 45.94
C PRO A 71 -4.24 1.08 45.13
N HIS A 72 -4.07 1.16 43.81
CA HIS A 72 -5.18 1.45 42.92
C HIS A 72 -6.21 0.35 43.05
N ALA A 73 -5.72 -0.89 43.13
CA ALA A 73 -6.57 -2.04 43.25
C ALA A 73 -7.46 -1.91 44.48
N ILE A 74 -6.86 -1.57 45.62
CA ILE A 74 -7.60 -1.43 46.87
C ILE A 74 -8.62 -0.31 46.77
N GLU A 75 -8.19 0.85 46.28
CA GLU A 75 -9.07 2.01 46.13
C GLU A 75 -10.33 1.60 45.39
N PHE A 76 -10.12 1.00 44.22
CA PHE A 76 -11.22 0.54 43.38
C PHE A 76 -12.10 -0.44 44.13
N ILE A 77 -11.49 -1.37 44.84
CA ILE A 77 -12.28 -2.34 45.58
C ILE A 77 -13.07 -1.65 46.70
N ASN A 78 -12.52 -0.57 47.23
CA ASN A 78 -13.18 0.17 48.30
C ASN A 78 -14.29 1.02 47.72
N GLN A 79 -14.11 1.39 46.45
CA GLN A 79 -15.09 2.18 45.72
C GLN A 79 -16.29 1.28 45.47
N TYR A 80 -16.03 0.14 44.85
CA TYR A 80 -17.07 -0.83 44.53
C TYR A 80 -17.91 -1.17 45.74
N TYR A 81 -17.26 -1.64 46.79
CA TYR A 81 -17.98 -2.02 48.00
C TYR A 81 -18.60 -0.83 48.73
N GLY A 82 -18.04 0.35 48.51
CA GLY A 82 -18.57 1.53 49.15
C GLY A 82 -19.69 2.17 48.35
N SER A 83 -20.17 1.47 47.32
CA SER A 83 -21.24 2.01 46.49
C SER A 83 -22.65 1.55 46.85
N PHE A 84 -22.82 0.31 47.31
CA PHE A 84 -24.16 -0.16 47.65
C PHE A 84 -24.71 0.41 48.95
N LYS A 85 -26.04 0.53 49.02
CA LYS A 85 -26.74 1.06 50.21
C LYS A 85 -26.57 0.13 51.41
N GLU A 86 -26.99 -1.12 51.28
CA GLU A 86 -26.82 -2.07 52.37
C GLU A 86 -25.41 -2.64 52.26
N ALA A 87 -24.46 -1.92 52.85
CA ALA A 87 -23.05 -2.30 52.82
C ALA A 87 -22.74 -3.64 53.47
N LYS A 88 -22.21 -4.55 52.66
CA LYS A 88 -21.82 -5.89 53.14
C LYS A 88 -20.35 -5.84 53.53
N ILE A 89 -20.12 -5.56 54.81
CA ILE A 89 -18.77 -5.43 55.38
C ILE A 89 -17.90 -6.66 55.22
N GLU A 90 -18.45 -7.81 55.56
CA GLU A 90 -17.73 -9.08 55.47
C GLU A 90 -17.14 -9.25 54.08
N GLU A 91 -18.03 -9.39 53.10
CA GLU A 91 -17.65 -9.56 51.71
C GLU A 91 -16.57 -8.57 51.31
N HIS A 92 -16.71 -7.33 51.78
CA HIS A 92 -15.76 -6.27 51.46
C HIS A 92 -14.34 -6.62 51.91
N LEU A 93 -14.15 -6.71 53.24
CA LEU A 93 -12.85 -7.03 53.81
C LEU A 93 -12.31 -8.30 53.15
N ALA A 94 -13.20 -9.27 52.99
CA ALA A 94 -12.87 -10.55 52.36
C ALA A 94 -12.30 -10.36 50.96
N ARG A 95 -13.03 -9.62 50.12
CA ARG A 95 -12.61 -9.36 48.75
C ARG A 95 -11.23 -8.72 48.77
N LEU A 96 -11.09 -7.64 49.54
CA LEU A 96 -9.83 -6.92 49.64
C LEU A 96 -8.64 -7.88 49.82
N GLU A 97 -8.81 -8.86 50.70
CA GLU A 97 -7.81 -9.87 51.02
C GLU A 97 -7.54 -10.75 49.80
N ALA A 98 -8.61 -11.38 49.32
CA ALA A 98 -8.53 -12.27 48.16
C ALA A 98 -7.82 -11.58 47.01
N VAL A 99 -8.07 -10.28 46.91
CA VAL A 99 -7.50 -9.43 45.87
C VAL A 99 -6.00 -9.29 46.03
N THR A 100 -5.56 -8.72 47.16
CA THR A 100 -4.15 -8.53 47.43
C THR A 100 -3.39 -9.85 47.29
N LYS A 101 -4.03 -10.93 47.71
CA LYS A 101 -3.45 -12.27 47.65
C LYS A 101 -3.20 -12.65 46.20
N GLU A 102 -4.22 -12.44 45.37
CA GLU A 102 -4.13 -12.74 43.94
C GLU A 102 -3.01 -11.92 43.32
N ILE A 103 -2.84 -10.71 43.82
CA ILE A 103 -1.81 -9.81 43.32
C ILE A 103 -0.43 -10.33 43.73
N GLU A 104 -0.33 -10.82 44.96
CA GLU A 104 0.94 -11.34 45.47
C GLU A 104 1.36 -12.60 44.72
N THR A 105 0.39 -13.41 44.31
CA THR A 105 0.69 -14.66 43.62
C THR A 105 0.89 -14.60 42.10
N THR A 106 -0.02 -13.90 41.43
CA THR A 106 0.01 -13.80 39.96
C THR A 106 0.55 -12.49 39.40
N GLY A 107 0.37 -11.43 40.17
CA GLY A 107 0.80 -10.11 39.75
C GLY A 107 -0.49 -9.33 39.53
N THR A 108 -0.95 -9.28 38.29
CA THR A 108 -2.20 -8.59 37.95
C THR A 108 -3.37 -9.41 38.47
N TYR A 109 -4.53 -8.78 38.63
CA TYR A 109 -5.69 -9.50 39.12
C TYR A 109 -6.90 -9.46 38.19
N GLN A 110 -7.88 -10.28 38.49
CA GLN A 110 -9.11 -10.40 37.71
C GLN A 110 -10.31 -9.87 38.49
N LEU A 111 -11.07 -8.99 37.84
CA LEU A 111 -12.24 -8.36 38.43
C LEU A 111 -13.43 -9.28 38.32
N THR A 112 -14.33 -9.20 39.30
CA THR A 112 -15.53 -10.01 39.27
C THR A 112 -16.38 -9.41 38.14
N LEU A 113 -17.32 -10.17 37.59
CA LEU A 113 -18.16 -9.65 36.52
C LEU A 113 -18.87 -8.40 37.03
N ASP A 114 -19.45 -8.50 38.22
CA ASP A 114 -20.17 -7.39 38.80
C ASP A 114 -19.29 -6.16 38.89
N GLU A 115 -18.02 -6.36 39.25
CA GLU A 115 -17.08 -5.25 39.35
C GLU A 115 -16.86 -4.62 37.97
N LEU A 116 -16.57 -5.45 36.97
CA LEU A 116 -16.33 -4.95 35.62
C LEU A 116 -17.48 -4.09 35.15
N ILE A 117 -18.70 -4.53 35.45
CA ILE A 117 -19.91 -3.78 35.09
C ILE A 117 -19.80 -2.41 35.78
N PHE A 118 -19.63 -2.42 37.09
CA PHE A 118 -19.51 -1.20 37.85
C PHE A 118 -18.38 -0.33 37.26
N ALA A 119 -17.31 -0.98 36.84
CA ALA A 119 -16.18 -0.28 36.27
C ALA A 119 -16.54 0.40 34.96
N THR A 120 -17.29 -0.29 34.11
CA THR A 120 -17.65 0.30 32.81
C THR A 120 -18.63 1.45 32.87
N LYS A 121 -19.53 1.43 33.86
CA LYS A 121 -20.49 2.51 33.98
C LYS A 121 -19.85 3.74 34.62
N MET A 122 -18.97 3.52 35.61
CA MET A 122 -18.30 4.62 36.27
C MET A 122 -17.46 5.33 35.24
N ALA A 123 -16.64 4.58 34.51
CA ALA A 123 -15.78 5.15 33.48
C ALA A 123 -16.57 6.05 32.55
N TRP A 124 -17.79 5.61 32.22
CA TRP A 124 -18.69 6.39 31.36
C TRP A 124 -19.08 7.61 32.16
N ARG A 125 -19.63 7.36 33.34
CA ARG A 125 -20.06 8.40 34.26
C ARG A 125 -18.95 9.47 34.38
N ASN A 126 -17.70 9.02 34.40
CA ASN A 126 -16.54 9.90 34.54
C ASN A 126 -15.98 10.39 33.20
N ALA A 127 -16.78 10.38 32.14
CA ALA A 127 -16.32 10.84 30.82
C ALA A 127 -16.66 12.31 30.57
N PRO A 128 -15.68 13.19 30.75
CA PRO A 128 -15.79 14.65 30.59
C PRO A 128 -16.34 15.16 29.28
N ARG A 129 -16.18 14.40 28.21
CA ARG A 129 -16.61 14.85 26.90
C ARG A 129 -17.97 14.30 26.45
N CYS A 130 -18.59 13.47 27.28
CA CYS A 130 -19.88 12.87 26.90
C CYS A 130 -21.11 13.63 27.37
N ILE A 131 -21.93 14.03 26.40
CA ILE A 131 -23.17 14.76 26.66
C ILE A 131 -24.28 13.84 27.14
N GLY A 132 -24.26 12.60 26.69
CA GLY A 132 -25.32 11.67 27.03
C GLY A 132 -25.13 10.88 28.29
N ARG A 133 -24.41 11.44 29.26
CA ARG A 133 -24.15 10.71 30.51
C ARG A 133 -25.30 10.49 31.50
N ILE A 134 -26.49 11.00 31.22
CA ILE A 134 -27.58 10.78 32.15
C ILE A 134 -27.95 9.29 32.16
N GLN A 135 -27.60 8.63 31.06
CA GLN A 135 -27.84 7.22 30.82
C GLN A 135 -26.79 6.31 31.45
N TRP A 136 -25.73 6.90 32.00
CA TRP A 136 -24.62 6.15 32.57
C TRP A 136 -24.93 4.80 33.21
N SER A 137 -25.96 4.75 34.05
CA SER A 137 -26.35 3.51 34.75
C SER A 137 -27.01 2.45 33.88
N ASN A 138 -27.54 2.86 32.74
CA ASN A 138 -28.23 1.96 31.81
C ASN A 138 -27.29 1.51 30.68
N LEU A 139 -26.43 0.55 30.98
CA LEU A 139 -25.46 0.04 30.02
C LEU A 139 -25.39 -1.47 30.05
N GLN A 140 -25.21 -2.05 28.85
CA GLN A 140 -25.09 -3.49 28.67
C GLN A 140 -23.62 -3.83 28.57
N VAL A 141 -23.19 -4.83 29.34
CA VAL A 141 -21.80 -5.22 29.34
C VAL A 141 -21.56 -6.62 28.80
N PHE A 142 -20.73 -6.70 27.76
CA PHE A 142 -20.37 -7.97 27.15
C PHE A 142 -18.97 -8.38 27.58
N ASP A 143 -18.91 -9.43 28.38
CA ASP A 143 -17.67 -9.97 28.93
C ASP A 143 -16.93 -10.84 27.93
N ALA A 144 -16.00 -10.25 27.19
CA ALA A 144 -15.23 -11.02 26.22
C ALA A 144 -13.77 -11.15 26.66
N ARG A 145 -13.57 -11.30 27.96
CA ARG A 145 -12.23 -11.45 28.50
C ARG A 145 -11.61 -12.83 28.20
N ASN A 146 -12.45 -13.75 27.71
CA ASN A 146 -12.05 -15.10 27.37
C ASN A 146 -11.47 -15.16 25.97
N CYS A 147 -11.85 -14.18 25.15
CA CYS A 147 -11.40 -14.11 23.77
C CYS A 147 -9.89 -14.35 23.63
N SER A 148 -9.48 -14.89 22.50
CA SER A 148 -8.07 -15.16 22.27
C SER A 148 -7.64 -15.13 20.81
N THR A 149 -8.58 -14.93 19.90
CA THR A 149 -8.25 -14.85 18.48
C THR A 149 -9.02 -13.74 17.81
N ALA A 150 -8.46 -13.19 16.73
CA ALA A 150 -9.10 -12.11 15.99
C ALA A 150 -10.46 -12.60 15.52
N GLN A 151 -10.50 -13.85 15.08
CA GLN A 151 -11.73 -14.45 14.58
C GLN A 151 -12.81 -14.43 15.67
N GLU A 152 -12.39 -14.63 16.93
CA GLU A 152 -13.34 -14.63 18.06
C GLU A 152 -13.68 -13.22 18.43
N MET A 153 -12.74 -12.33 18.20
CA MET A 153 -12.92 -10.93 18.50
C MET A 153 -14.02 -10.47 17.55
N PHE A 154 -13.82 -10.71 16.26
CA PHE A 154 -14.78 -10.34 15.23
C PHE A 154 -16.19 -10.87 15.52
N GLN A 155 -16.28 -12.05 16.10
CA GLN A 155 -17.58 -12.62 16.41
C GLN A 155 -18.28 -11.87 17.52
N HIS A 156 -17.52 -11.45 18.52
CA HIS A 156 -18.07 -10.68 19.65
C HIS A 156 -18.54 -9.31 19.16
N ILE A 157 -17.73 -8.69 18.30
CA ILE A 157 -18.05 -7.39 17.77
C ILE A 157 -19.35 -7.44 17.01
N CYS A 158 -19.59 -8.53 16.30
CA CYS A 158 -20.83 -8.68 15.56
C CYS A 158 -22.00 -8.80 16.51
N ARG A 159 -21.82 -9.57 17.59
CA ARG A 159 -22.86 -9.74 18.60
C ARG A 159 -23.21 -8.37 19.19
N HIS A 160 -22.19 -7.54 19.32
CA HIS A 160 -22.32 -6.20 19.87
C HIS A 160 -23.20 -5.39 18.93
N ILE A 161 -22.70 -5.21 17.72
CA ILE A 161 -23.40 -4.48 16.68
C ILE A 161 -24.84 -4.95 16.57
N LEU A 162 -25.05 -6.27 16.54
CA LEU A 162 -26.40 -6.81 16.44
C LEU A 162 -27.25 -6.45 17.66
N TYR A 163 -26.65 -6.50 18.84
CA TYR A 163 -27.39 -6.17 20.05
C TYR A 163 -27.75 -4.68 20.06
N ALA A 164 -26.71 -3.85 19.97
CA ALA A 164 -26.87 -2.40 19.99
C ALA A 164 -27.87 -1.87 18.97
N THR A 165 -27.78 -2.33 17.72
CA THR A 165 -28.66 -1.89 16.64
C THR A 165 -30.14 -2.15 16.92
N ASN A 166 -30.43 -3.35 17.39
CA ASN A 166 -31.79 -3.76 17.75
C ASN A 166 -32.90 -3.25 16.83
N ASN A 167 -32.68 -3.37 15.52
CA ASN A 167 -33.64 -2.95 14.52
C ASN A 167 -34.10 -1.48 14.67
N GLY A 168 -33.15 -0.60 14.98
CA GLY A 168 -33.47 0.81 15.14
C GLY A 168 -33.61 1.33 16.55
N ASN A 169 -34.12 0.50 17.47
CA ASN A 169 -34.27 0.89 18.87
C ASN A 169 -32.90 0.68 19.54
N ILE A 170 -31.96 1.58 19.25
CA ILE A 170 -30.60 1.49 19.75
C ILE A 170 -30.46 1.31 21.25
N ARG A 171 -29.55 0.42 21.61
CA ARG A 171 -29.23 0.09 22.99
C ARG A 171 -27.74 0.33 23.23
N SER A 172 -27.42 0.98 24.35
CA SER A 172 -26.04 1.26 24.71
C SER A 172 -25.39 -0.04 25.19
N ALA A 173 -24.15 -0.28 24.78
CA ALA A 173 -23.46 -1.48 25.19
C ALA A 173 -21.96 -1.35 25.06
N ILE A 174 -21.25 -2.23 25.74
CA ILE A 174 -19.80 -2.26 25.67
C ILE A 174 -19.32 -3.70 25.74
N THR A 175 -18.36 -4.03 24.90
CA THR A 175 -17.76 -5.35 24.86
C THR A 175 -16.32 -5.20 25.35
N VAL A 176 -16.03 -5.81 26.49
CA VAL A 176 -14.71 -5.77 27.10
C VAL A 176 -13.82 -6.94 26.69
N PHE A 177 -12.70 -6.66 26.04
CA PHE A 177 -11.77 -7.71 25.65
C PHE A 177 -10.67 -7.83 26.71
N PRO A 178 -9.89 -8.94 26.70
CA PRO A 178 -8.80 -9.19 27.66
C PRO A 178 -7.92 -8.01 28.03
N GLN A 179 -7.75 -7.80 29.34
CA GLN A 179 -6.94 -6.71 29.89
C GLN A 179 -5.45 -6.84 29.57
N ARG A 180 -4.79 -5.70 29.48
CA ARG A 180 -3.36 -5.68 29.20
C ARG A 180 -2.65 -6.42 30.34
N SER A 181 -1.68 -7.24 29.97
CA SER A 181 -0.93 -8.01 30.94
C SER A 181 0.51 -7.53 30.98
N ASP A 182 1.33 -8.08 30.09
CA ASP A 182 2.74 -7.71 30.03
C ASP A 182 2.93 -6.49 29.17
N GLY A 183 2.10 -6.36 28.13
CA GLY A 183 2.21 -5.24 27.23
C GLY A 183 2.38 -5.63 25.79
N LYS A 184 3.05 -6.76 25.54
CA LYS A 184 3.25 -7.23 24.17
C LYS A 184 2.05 -8.04 23.71
N HIS A 185 1.12 -8.31 24.63
CA HIS A 185 -0.07 -9.11 24.34
C HIS A 185 -1.37 -8.29 24.41
N ASP A 186 -1.33 -7.09 23.83
CA ASP A 186 -2.47 -6.18 23.80
C ASP A 186 -3.54 -6.55 22.78
N PHE A 187 -4.80 -6.40 23.16
CA PHE A 187 -5.92 -6.63 22.24
C PHE A 187 -6.28 -5.22 21.72
N ARG A 188 -6.36 -5.02 20.41
CA ARG A 188 -6.66 -3.69 19.89
C ARG A 188 -7.44 -3.60 18.59
N LEU A 189 -8.54 -2.84 18.59
CA LEU A 189 -9.32 -2.62 17.39
C LEU A 189 -8.63 -1.43 16.74
N TRP A 190 -8.17 -1.60 15.51
CA TRP A 190 -7.49 -0.52 14.82
C TRP A 190 -8.38 0.58 14.29
N ASN A 191 -9.69 0.34 14.28
CA ASN A 191 -10.66 1.32 13.82
C ASN A 191 -10.94 2.37 14.88
N SER A 192 -11.41 3.52 14.45
CA SER A 192 -11.77 4.61 15.34
C SER A 192 -13.14 4.28 15.93
N GLN A 193 -14.06 3.88 15.07
CA GLN A 193 -15.43 3.51 15.47
C GLN A 193 -15.78 2.17 14.82
N LEU A 194 -16.78 1.47 15.34
CA LEU A 194 -17.14 0.20 14.74
C LEU A 194 -17.61 0.41 13.30
N ILE A 195 -18.74 1.07 13.08
CA ILE A 195 -19.23 1.34 11.72
C ILE A 195 -18.64 2.68 11.32
N ARG A 196 -18.08 2.77 10.12
CA ARG A 196 -17.45 4.02 9.70
C ARG A 196 -17.19 4.00 8.20
N TYR A 197 -17.70 5.00 7.47
CA TYR A 197 -17.53 5.07 6.03
C TYR A 197 -16.09 5.23 5.58
N ALA A 198 -15.80 4.74 4.38
CA ALA A 198 -14.46 4.79 3.79
C ALA A 198 -14.24 6.04 2.97
N GLY A 199 -12.99 6.45 2.86
CA GLY A 199 -12.66 7.64 2.10
C GLY A 199 -11.54 7.37 1.12
N TYR A 200 -11.88 7.38 -0.16
CA TYR A 200 -10.89 7.13 -1.20
C TYR A 200 -10.56 8.41 -1.94
N GLN A 201 -9.34 8.47 -2.45
CA GLN A 201 -8.89 9.60 -3.26
C GLN A 201 -9.60 9.43 -4.61
N MET A 202 -9.08 10.02 -5.67
CA MET A 202 -9.72 9.87 -6.96
C MET A 202 -8.80 10.37 -8.05
N PRO A 203 -8.93 9.79 -9.26
CA PRO A 203 -8.12 10.18 -10.43
C PRO A 203 -8.22 11.68 -10.68
N ASP A 204 -9.46 12.18 -10.71
CA ASP A 204 -9.70 13.61 -10.93
C ASP A 204 -9.37 14.51 -9.73
N GLY A 205 -8.55 14.01 -8.81
CA GLY A 205 -8.15 14.77 -7.64
C GLY A 205 -9.14 14.91 -6.48
N THR A 206 -10.43 14.90 -6.80
CA THR A 206 -11.49 15.03 -5.80
C THR A 206 -11.47 13.85 -4.81
N ILE A 207 -11.85 14.12 -3.57
CA ILE A 207 -11.90 13.08 -2.55
C ILE A 207 -13.32 12.50 -2.59
N ARG A 208 -13.47 11.24 -2.24
CA ARG A 208 -14.79 10.62 -2.28
C ARG A 208 -15.12 9.99 -0.93
N GLY A 209 -16.34 10.25 -0.44
CA GLY A 209 -16.75 9.73 0.84
C GLY A 209 -16.19 10.53 2.02
N ASP A 210 -15.96 9.85 3.14
CA ASP A 210 -15.45 10.45 4.37
C ASP A 210 -13.95 10.77 4.29
N ALA A 211 -13.63 12.01 3.91
CA ALA A 211 -12.24 12.44 3.79
C ALA A 211 -11.36 12.26 5.03
N ALA A 212 -12.00 12.06 6.18
CA ALA A 212 -11.28 11.89 7.42
C ALA A 212 -10.66 10.51 7.55
N THR A 213 -11.24 9.53 6.88
CA THR A 213 -10.71 8.17 6.94
C THR A 213 -9.72 7.81 5.83
N LEU A 214 -9.25 8.82 5.07
CA LEU A 214 -8.30 8.61 3.97
C LEU A 214 -7.12 7.72 4.34
N GLU A 215 -6.50 8.03 5.48
CA GLU A 215 -5.34 7.30 6.00
C GLU A 215 -5.71 5.84 6.28
N PHE A 216 -6.65 5.64 7.22
CA PHE A 216 -7.08 4.31 7.61
C PHE A 216 -7.64 3.50 6.43
N THR A 217 -8.26 4.17 5.46
CA THR A 217 -8.83 3.46 4.30
C THR A 217 -7.70 2.83 3.52
N GLN A 218 -6.63 3.60 3.35
CA GLN A 218 -5.48 3.11 2.63
C GLN A 218 -4.96 1.89 3.34
N LEU A 219 -4.82 1.99 4.66
CA LEU A 219 -4.33 0.89 5.46
C LEU A 219 -5.11 -0.38 5.21
N CYS A 220 -6.43 -0.28 5.21
CA CYS A 220 -7.27 -1.44 4.96
C CYS A 220 -6.95 -2.06 3.59
N ILE A 221 -6.62 -1.22 2.62
CA ILE A 221 -6.27 -1.67 1.28
C ILE A 221 -4.96 -2.45 1.36
N ASP A 222 -3.99 -1.89 2.09
CA ASP A 222 -2.68 -2.52 2.28
C ASP A 222 -2.85 -3.89 2.91
N LEU A 223 -3.87 -4.03 3.76
CA LEU A 223 -4.14 -5.30 4.42
C LEU A 223 -5.04 -6.18 3.55
N GLY A 224 -5.06 -5.87 2.26
CA GLY A 224 -5.82 -6.62 1.28
C GLY A 224 -7.33 -6.48 1.32
N TRP A 225 -7.82 -5.25 1.39
CA TRP A 225 -9.26 -5.03 1.39
C TRP A 225 -9.66 -4.60 0.00
N LYS A 226 -10.84 -5.00 -0.42
CA LYS A 226 -11.35 -4.64 -1.74
C LYS A 226 -12.18 -3.35 -1.70
N PRO A 227 -11.57 -2.23 -2.13
CA PRO A 227 -12.16 -0.90 -2.17
C PRO A 227 -13.25 -0.69 -3.22
N ARG A 228 -14.51 -0.78 -2.80
CA ARG A 228 -15.64 -0.61 -3.71
C ARG A 228 -15.93 0.84 -4.10
N TYR A 229 -14.87 1.65 -4.16
CA TYR A 229 -14.91 3.08 -4.51
C TYR A 229 -16.25 3.78 -4.55
N GLY A 230 -16.87 3.93 -3.36
CA GLY A 230 -18.16 4.58 -3.26
C GLY A 230 -18.17 5.73 -2.27
N ARG A 231 -19.35 6.25 -1.98
CA ARG A 231 -19.50 7.34 -1.04
C ARG A 231 -19.73 6.86 0.37
N PHE A 232 -20.50 5.79 0.52
CA PHE A 232 -20.80 5.26 1.84
C PHE A 232 -20.43 3.78 1.99
N ASP A 233 -19.15 3.47 1.74
CA ASP A 233 -18.65 2.10 1.84
C ASP A 233 -18.18 1.84 3.25
N VAL A 234 -18.92 1.02 4.01
CA VAL A 234 -18.56 0.71 5.38
C VAL A 234 -17.22 -0.01 5.48
N LEU A 235 -16.25 0.67 6.10
CA LEU A 235 -14.91 0.14 6.30
C LEU A 235 -14.87 -1.22 7.01
N PRO A 236 -13.76 -1.95 6.86
CA PRO A 236 -13.54 -3.26 7.47
C PRO A 236 -12.99 -3.21 8.88
N LEU A 237 -13.39 -4.17 9.71
CA LEU A 237 -12.89 -4.23 11.07
C LEU A 237 -11.46 -4.74 11.05
N VAL A 238 -10.51 -3.91 11.48
CA VAL A 238 -9.11 -4.30 11.51
C VAL A 238 -8.75 -4.70 12.94
N LEU A 239 -8.86 -5.99 13.21
CA LEU A 239 -8.60 -6.50 14.55
C LEU A 239 -7.21 -7.10 14.85
N GLN A 240 -6.72 -6.81 16.06
CA GLN A 240 -5.44 -7.29 16.57
C GLN A 240 -5.75 -7.95 17.91
N ALA A 241 -5.30 -9.19 18.10
CA ALA A 241 -5.56 -9.92 19.35
C ALA A 241 -4.31 -10.51 20.03
N ASP A 242 -4.24 -10.37 21.35
CA ASP A 242 -3.12 -10.90 22.13
C ASP A 242 -1.79 -10.51 21.49
N GLY A 243 -1.59 -9.20 21.31
CA GLY A 243 -0.37 -8.70 20.71
C GLY A 243 -0.07 -9.21 19.31
N GLN A 244 -0.97 -9.99 18.74
CA GLN A 244 -0.76 -10.56 17.40
C GLN A 244 -0.73 -9.51 16.29
N ASP A 245 -0.97 -9.96 15.07
CA ASP A 245 -0.99 -9.06 13.93
C ASP A 245 -2.45 -8.77 13.60
N PRO A 246 -2.72 -7.60 13.00
CA PRO A 246 -4.08 -7.19 12.61
C PRO A 246 -4.66 -7.96 11.43
N GLU A 247 -5.81 -8.59 11.67
CA GLU A 247 -6.53 -9.35 10.64
C GLU A 247 -7.75 -8.53 10.24
N VAL A 248 -8.06 -8.52 8.96
CA VAL A 248 -9.18 -7.76 8.44
C VAL A 248 -10.46 -8.60 8.24
N PHE A 249 -11.61 -8.04 8.63
CA PHE A 249 -12.91 -8.70 8.46
C PHE A 249 -13.92 -7.64 8.02
N GLU A 250 -14.71 -7.93 6.98
CA GLU A 250 -15.73 -7.02 6.51
C GLU A 250 -16.96 -7.17 7.40
N ILE A 251 -17.58 -6.06 7.77
CA ILE A 251 -18.76 -6.15 8.62
C ILE A 251 -19.92 -6.64 7.76
N PRO A 252 -20.60 -7.70 8.21
CA PRO A 252 -21.74 -8.28 7.49
C PRO A 252 -22.78 -7.19 7.22
N PRO A 253 -23.00 -6.83 5.93
CA PRO A 253 -23.97 -5.80 5.56
C PRO A 253 -25.32 -5.87 6.27
N ASP A 254 -25.80 -7.08 6.52
CA ASP A 254 -27.09 -7.23 7.20
C ASP A 254 -27.06 -6.64 8.60
N LEU A 255 -25.86 -6.44 9.14
CA LEU A 255 -25.66 -5.89 10.48
C LEU A 255 -25.59 -4.36 10.54
N VAL A 256 -25.09 -3.74 9.48
CA VAL A 256 -24.99 -2.29 9.42
C VAL A 256 -26.28 -1.62 8.95
N LEU A 257 -27.10 -1.16 9.90
CA LEU A 257 -28.35 -0.45 9.61
C LEU A 257 -28.00 0.99 9.28
N GLU A 258 -28.64 1.55 8.26
CA GLU A 258 -28.39 2.93 7.85
C GLU A 258 -29.70 3.69 7.63
N VAL A 259 -29.68 5.01 7.80
CA VAL A 259 -30.88 5.82 7.57
C VAL A 259 -30.64 6.64 6.31
N THR A 260 -31.67 6.77 5.48
CA THR A 260 -31.60 7.53 4.22
C THR A 260 -32.06 8.97 4.47
N MET A 261 -31.18 9.93 4.20
CA MET A 261 -31.52 11.33 4.42
C MET A 261 -32.68 11.78 3.53
N GLU A 262 -33.62 12.48 4.15
CA GLU A 262 -34.83 12.91 3.48
C GLU A 262 -35.41 14.13 4.21
N HIS A 263 -35.58 15.26 3.51
CA HIS A 263 -36.14 16.47 4.14
C HIS A 263 -37.66 16.44 4.11
N PRO A 264 -38.31 16.84 5.21
CA PRO A 264 -39.78 16.84 5.28
C PRO A 264 -40.50 17.86 4.41
N LYS A 265 -39.76 18.71 3.71
CA LYS A 265 -40.36 19.73 2.84
C LYS A 265 -39.70 19.79 1.49
N TYR A 266 -38.38 19.68 1.46
CA TYR A 266 -37.64 19.73 0.20
C TYR A 266 -37.52 18.35 -0.43
N GLU A 267 -38.32 18.10 -1.46
CA GLU A 267 -38.28 16.82 -2.16
C GLU A 267 -36.95 16.61 -2.88
N TRP A 268 -36.19 17.68 -3.06
CA TRP A 268 -34.90 17.56 -3.71
C TRP A 268 -33.83 17.05 -2.74
N PHE A 269 -34.19 16.89 -1.47
CA PHE A 269 -33.20 16.43 -0.50
C PHE A 269 -32.74 15.01 -0.79
N GLN A 270 -33.69 14.09 -1.00
CA GLN A 270 -33.31 12.72 -1.31
C GLN A 270 -32.46 12.65 -2.59
N GLU A 271 -32.62 13.64 -3.47
CA GLU A 271 -31.84 13.71 -4.71
C GLU A 271 -30.37 13.94 -4.39
N LEU A 272 -30.07 14.20 -3.12
CA LEU A 272 -28.69 14.40 -2.67
C LEU A 272 -28.07 13.02 -2.42
N GLY A 273 -28.94 12.01 -2.36
CA GLY A 273 -28.50 10.64 -2.15
C GLY A 273 -27.70 10.38 -0.90
N LEU A 274 -27.96 11.16 0.14
CA LEU A 274 -27.26 11.03 1.41
C LEU A 274 -27.91 10.02 2.34
N LYS A 275 -27.09 9.51 3.24
CA LYS A 275 -27.50 8.55 4.24
C LYS A 275 -26.37 8.42 5.26
N TRP A 276 -26.68 7.89 6.44
CA TRP A 276 -25.69 7.69 7.49
C TRP A 276 -26.07 6.47 8.30
N TYR A 277 -25.07 5.83 8.92
CA TYR A 277 -25.30 4.65 9.75
C TYR A 277 -25.87 5.07 11.09
N ALA A 278 -26.69 4.22 11.67
CA ALA A 278 -27.36 4.53 12.93
C ALA A 278 -26.55 4.27 14.18
N LEU A 279 -25.46 3.53 14.04
CA LEU A 279 -24.65 3.15 15.19
C LEU A 279 -23.38 3.93 15.47
N PRO A 280 -23.37 4.70 16.57
CA PRO A 280 -22.21 5.48 16.97
C PRO A 280 -21.53 4.67 18.07
N ALA A 281 -20.48 3.96 17.68
CA ALA A 281 -19.73 3.13 18.60
C ALA A 281 -18.26 3.48 18.54
N VAL A 282 -17.74 3.98 19.66
CA VAL A 282 -16.35 4.34 19.77
C VAL A 282 -15.59 3.04 20.00
N ALA A 283 -14.61 2.79 19.12
CA ALA A 283 -13.83 1.57 19.14
C ALA A 283 -12.43 1.55 19.75
N ASN A 284 -11.71 2.65 19.66
CA ASN A 284 -10.33 2.68 20.13
C ASN A 284 -9.95 3.23 21.49
N MET A 285 -10.83 3.17 22.47
CA MET A 285 -10.45 3.70 23.77
C MET A 285 -10.05 2.66 24.79
N LEU A 286 -9.15 3.04 25.70
CA LEU A 286 -8.70 2.15 26.77
C LEU A 286 -9.46 2.39 28.07
N LEU A 287 -9.87 1.31 28.72
CA LEU A 287 -10.57 1.43 29.98
C LEU A 287 -9.59 1.19 31.09
N GLU A 288 -9.48 2.15 31.99
CA GLU A 288 -8.58 2.02 33.14
C GLU A 288 -9.44 1.84 34.38
N VAL A 289 -9.14 0.80 35.14
CA VAL A 289 -9.86 0.55 36.37
C VAL A 289 -8.93 -0.23 37.31
N GLY A 290 -8.95 0.14 38.59
CA GLY A 290 -8.12 -0.50 39.60
C GLY A 290 -6.69 -0.77 39.15
N GLY A 291 -6.12 0.12 38.36
CA GLY A 291 -4.76 -0.07 37.89
C GLY A 291 -4.59 -1.06 36.74
N LEU A 292 -5.71 -1.66 36.33
CA LEU A 292 -5.71 -2.61 35.22
C LEU A 292 -6.07 -1.80 33.99
N GLU A 293 -5.60 -2.25 32.84
CA GLU A 293 -5.89 -1.56 31.61
C GLU A 293 -6.55 -2.52 30.62
N PHE A 294 -7.51 -2.00 29.85
CA PHE A 294 -8.23 -2.78 28.84
C PHE A 294 -8.09 -1.99 27.54
N PRO A 295 -7.07 -2.29 26.74
CA PRO A 295 -6.74 -1.66 25.47
C PRO A 295 -7.83 -1.74 24.40
N ALA A 296 -8.76 -2.67 24.56
CA ALA A 296 -9.86 -2.85 23.61
C ALA A 296 -11.17 -3.12 24.33
N CYS A 297 -12.12 -2.22 24.13
CA CYS A 297 -13.43 -2.32 24.77
C CYS A 297 -14.37 -1.36 24.06
N PRO A 298 -14.74 -1.67 22.83
CA PRO A 298 -15.65 -0.72 22.18
C PRO A 298 -16.99 -0.60 22.89
N PHE A 299 -17.56 0.59 22.78
CA PHE A 299 -18.85 0.91 23.37
C PHE A 299 -19.66 1.74 22.39
N ASN A 300 -20.95 1.88 22.67
CA ASN A 300 -21.82 2.63 21.78
C ASN A 300 -23.02 3.20 22.52
N GLY A 301 -23.51 4.32 22.03
CA GLY A 301 -24.68 4.94 22.60
C GLY A 301 -25.55 5.05 21.38
N TRP A 302 -26.22 6.18 21.23
CA TRP A 302 -27.06 6.45 20.07
C TRP A 302 -26.73 7.88 19.66
N TYR A 303 -26.98 8.21 18.42
CA TYR A 303 -26.66 9.54 17.91
C TYR A 303 -27.40 10.75 18.47
N MET A 304 -26.75 11.89 18.30
CA MET A 304 -27.31 13.18 18.66
C MET A 304 -27.24 13.92 17.32
N GLY A 305 -28.41 14.19 16.75
CA GLY A 305 -28.50 14.84 15.46
C GLY A 305 -27.34 15.69 14.92
N THR A 306 -26.90 16.67 15.70
CA THR A 306 -25.84 17.56 15.26
C THR A 306 -24.54 16.87 14.87
N GLU A 307 -24.32 15.69 15.44
CA GLU A 307 -23.11 14.92 15.15
C GLU A 307 -23.08 14.58 13.66
N ILE A 308 -24.20 14.13 13.14
CA ILE A 308 -24.31 13.78 11.74
C ILE A 308 -24.54 15.01 10.89
N GLY A 309 -25.63 15.72 11.16
CA GLY A 309 -25.99 16.91 10.42
C GLY A 309 -24.96 18.01 10.35
N VAL A 310 -24.26 18.26 11.46
CA VAL A 310 -23.28 19.34 11.48
C VAL A 310 -21.82 18.92 11.27
N ARG A 311 -21.38 17.93 12.04
CA ARG A 311 -19.99 17.47 11.92
C ARG A 311 -19.77 16.69 10.64
N ASP A 312 -20.29 15.45 10.62
CA ASP A 312 -20.18 14.55 9.48
C ASP A 312 -20.56 15.15 8.12
N PHE A 313 -21.76 15.73 8.04
CA PHE A 313 -22.25 16.33 6.80
C PHE A 313 -21.73 17.69 6.41
N CYS A 314 -21.45 18.56 7.37
CA CYS A 314 -21.01 19.91 7.01
C CYS A 314 -19.53 20.31 7.08
N ASP A 315 -18.76 19.71 7.97
CA ASP A 315 -17.33 20.04 8.09
C ASP A 315 -16.60 20.00 6.76
N THR A 316 -15.74 20.98 6.51
CA THR A 316 -15.00 21.03 5.25
C THR A 316 -13.97 19.91 5.12
N GLN A 317 -13.83 19.11 6.17
CA GLN A 317 -12.88 18.00 6.17
C GLN A 317 -13.61 16.66 6.29
N ARG A 318 -14.89 16.66 5.92
CA ARG A 318 -15.74 15.48 5.94
C ARG A 318 -16.53 15.47 4.63
N TYR A 319 -17.82 15.20 4.72
CA TYR A 319 -18.67 15.19 3.54
C TYR A 319 -18.89 16.57 2.93
N ASN A 320 -18.69 17.61 3.74
CA ASN A 320 -18.80 19.01 3.30
C ASN A 320 -19.92 19.29 2.27
N ILE A 321 -21.17 19.18 2.70
CA ILE A 321 -22.30 19.38 1.80
C ILE A 321 -22.99 20.73 1.92
N LEU A 322 -22.48 21.60 2.80
CA LEU A 322 -23.11 22.90 3.05
C LEU A 322 -23.40 23.81 1.85
N GLU A 323 -22.42 23.99 0.98
CA GLU A 323 -22.63 24.83 -0.19
C GLU A 323 -23.65 24.21 -1.17
N GLU A 324 -23.58 22.89 -1.30
CA GLU A 324 -24.48 22.14 -2.19
C GLU A 324 -25.92 22.31 -1.73
N VAL A 325 -26.16 22.15 -0.42
CA VAL A 325 -27.50 22.31 0.15
C VAL A 325 -27.90 23.78 0.14
N GLY A 326 -26.89 24.63 0.07
CA GLY A 326 -27.14 26.05 0.04
C GLY A 326 -27.86 26.49 -1.23
N ARG A 327 -27.18 26.39 -2.37
CA ARG A 327 -27.77 26.82 -3.63
C ARG A 327 -29.09 26.16 -3.97
N ARG A 328 -29.26 24.92 -3.55
CA ARG A 328 -30.50 24.23 -3.84
C ARG A 328 -31.62 24.82 -3.01
N MET A 329 -31.28 25.58 -1.98
CA MET A 329 -32.27 26.25 -1.13
C MET A 329 -32.58 27.62 -1.74
N GLY A 330 -31.76 28.01 -2.73
CA GLY A 330 -31.90 29.28 -3.41
C GLY A 330 -31.39 30.45 -2.61
N LEU A 331 -30.18 30.33 -2.06
CA LEU A 331 -29.60 31.37 -1.21
C LEU A 331 -28.37 32.05 -1.80
N GLU A 332 -28.07 33.25 -1.31
CA GLU A 332 -26.92 34.03 -1.78
C GLU A 332 -25.67 33.44 -1.15
N THR A 333 -25.30 32.26 -1.64
CA THR A 333 -24.15 31.54 -1.14
C THR A 333 -22.81 32.23 -1.36
N HIS A 334 -22.86 33.47 -1.87
CA HIS A 334 -21.65 34.26 -2.14
C HIS A 334 -21.55 35.53 -1.28
N THR A 335 -22.56 35.73 -0.44
CA THR A 335 -22.65 36.85 0.47
C THR A 335 -22.68 36.25 1.88
N LEU A 336 -21.52 36.16 2.52
CA LEU A 336 -21.41 35.59 3.86
C LEU A 336 -22.39 36.20 4.85
N ALA A 337 -22.49 37.52 4.79
CA ALA A 337 -23.38 38.27 5.67
C ALA A 337 -24.87 37.88 5.59
N SER A 338 -25.25 37.08 4.61
CA SER A 338 -26.65 36.67 4.45
C SER A 338 -27.07 35.57 5.41
N LEU A 339 -26.09 34.99 6.09
CA LEU A 339 -26.34 33.91 7.04
C LEU A 339 -26.92 32.66 6.36
N TRP A 340 -26.54 32.43 5.10
CA TRP A 340 -27.03 31.26 4.37
C TRP A 340 -26.51 30.00 5.02
N LYS A 341 -25.30 30.07 5.55
CA LYS A 341 -24.73 28.91 6.21
C LYS A 341 -25.60 28.54 7.40
N ASP A 342 -26.03 29.55 8.15
CA ASP A 342 -26.88 29.33 9.32
C ASP A 342 -28.20 28.68 8.92
N ARG A 343 -28.82 29.18 7.86
CA ARG A 343 -30.09 28.61 7.43
C ARG A 343 -29.96 27.19 6.91
N ALA A 344 -28.97 26.96 6.05
CA ALA A 344 -28.73 25.66 5.41
C ALA A 344 -28.46 24.55 6.40
N VAL A 345 -27.42 24.71 7.21
CA VAL A 345 -27.06 23.69 8.17
C VAL A 345 -28.26 23.29 9.00
N THR A 346 -29.08 24.26 9.34
CA THR A 346 -30.26 23.98 10.15
C THR A 346 -31.22 23.06 9.42
N GLU A 347 -31.40 23.28 8.13
CA GLU A 347 -32.30 22.42 7.36
C GLU A 347 -31.72 20.99 7.21
N ILE A 348 -30.40 20.89 7.15
CA ILE A 348 -29.75 19.59 7.07
C ILE A 348 -30.09 18.85 8.36
N ASN A 349 -29.92 19.53 9.50
CA ASN A 349 -30.20 18.97 10.83
C ASN A 349 -31.65 18.51 10.93
N VAL A 350 -32.53 19.24 10.25
CA VAL A 350 -33.95 18.93 10.23
C VAL A 350 -34.13 17.60 9.49
N ALA A 351 -33.36 17.45 8.40
CA ALA A 351 -33.39 16.26 7.57
C ALA A 351 -32.95 15.03 8.37
N VAL A 352 -31.77 15.15 8.97
CA VAL A 352 -31.19 14.07 9.78
C VAL A 352 -32.18 13.63 10.83
N LEU A 353 -32.74 14.58 11.56
CA LEU A 353 -33.70 14.27 12.62
C LEU A 353 -34.95 13.65 12.07
N HIS A 354 -35.53 14.28 11.05
CA HIS A 354 -36.74 13.80 10.42
C HIS A 354 -36.57 12.34 9.96
N SER A 355 -35.45 12.08 9.29
CA SER A 355 -35.15 10.75 8.77
C SER A 355 -34.97 9.66 9.82
N PHE A 356 -34.24 9.94 10.89
CA PHE A 356 -34.08 8.92 11.93
C PHE A 356 -35.45 8.62 12.55
N GLN A 357 -36.26 9.66 12.75
CA GLN A 357 -37.58 9.51 13.35
C GLN A 357 -38.50 8.69 12.47
N LYS A 358 -38.57 9.07 11.19
CA LYS A 358 -39.40 8.42 10.20
C LYS A 358 -39.06 6.94 10.04
N GLN A 359 -37.78 6.62 9.97
CA GLN A 359 -37.35 5.24 9.81
C GLN A 359 -37.17 4.51 11.12
N ASN A 360 -37.92 4.95 12.13
CA ASN A 360 -37.87 4.36 13.47
C ASN A 360 -36.50 3.93 13.98
N VAL A 361 -35.59 4.90 14.06
CA VAL A 361 -34.23 4.71 14.53
C VAL A 361 -33.95 5.75 15.63
N THR A 362 -33.68 5.27 16.85
CA THR A 362 -33.37 6.15 17.98
C THR A 362 -32.39 7.28 17.62
N ILE A 363 -32.71 8.48 18.08
CA ILE A 363 -31.86 9.64 17.88
C ILE A 363 -32.38 10.74 18.79
N MET A 364 -31.50 11.66 19.19
CA MET A 364 -31.88 12.76 20.07
C MET A 364 -31.30 14.08 19.60
N ASP A 365 -32.14 15.11 19.54
CA ASP A 365 -31.67 16.42 19.12
C ASP A 365 -30.81 17.01 20.24
N HIS A 366 -29.98 17.98 19.89
CA HIS A 366 -29.07 18.57 20.86
C HIS A 366 -29.68 19.39 21.95
N HIS A 367 -30.81 20.03 21.67
CA HIS A 367 -31.48 20.83 22.69
C HIS A 367 -31.94 19.91 23.80
N THR A 368 -32.66 18.87 23.41
CA THR A 368 -33.16 17.90 24.36
C THR A 368 -31.97 17.32 25.11
N ALA A 369 -30.89 17.07 24.36
CA ALA A 369 -29.66 16.49 24.90
C ALA A 369 -29.15 17.31 26.05
N SER A 370 -29.03 18.62 25.81
CA SER A 370 -28.54 19.55 26.80
C SER A 370 -29.38 19.56 28.05
N GLU A 371 -30.70 19.71 27.89
CA GLU A 371 -31.56 19.74 29.07
C GLU A 371 -31.38 18.53 29.95
N SER A 372 -31.16 17.39 29.31
CA SER A 372 -30.96 16.13 30.02
C SER A 372 -29.58 16.10 30.67
N PHE A 373 -28.60 16.77 30.07
CA PHE A 373 -27.29 16.78 30.69
C PHE A 373 -27.36 17.64 31.95
N MET A 374 -28.03 18.79 31.84
CA MET A 374 -28.18 19.68 32.98
C MET A 374 -28.85 18.92 34.10
N LYS A 375 -29.88 18.15 33.78
CA LYS A 375 -30.55 17.37 34.79
C LYS A 375 -29.52 16.42 35.38
N HIS A 376 -28.79 15.72 34.51
CA HIS A 376 -27.77 14.77 34.94
C HIS A 376 -26.81 15.39 35.91
N MET A 377 -26.23 16.50 35.50
CA MET A 377 -25.25 17.24 36.29
C MET A 377 -25.71 17.53 37.72
N GLN A 378 -26.98 17.89 37.89
CA GLN A 378 -27.53 18.18 39.22
C GLN A 378 -27.41 16.92 40.06
N ASN A 379 -27.90 15.81 39.52
CA ASN A 379 -27.85 14.52 40.22
C ASN A 379 -26.42 14.21 40.63
N GLU A 380 -25.47 14.45 39.74
CA GLU A 380 -24.06 14.18 40.03
C GLU A 380 -23.53 14.96 41.22
N TYR A 381 -23.85 16.24 41.29
CA TYR A 381 -23.41 17.08 42.40
C TYR A 381 -24.10 16.70 43.70
N ARG A 382 -25.42 16.55 43.66
CA ARG A 382 -26.16 16.16 44.85
C ARG A 382 -25.63 14.81 45.33
N ALA A 383 -25.54 13.85 44.41
CA ALA A 383 -25.08 12.50 44.75
C ALA A 383 -23.60 12.37 45.10
N ARG A 384 -22.72 13.16 44.49
CA ARG A 384 -21.31 13.03 44.84
C ARG A 384 -20.44 14.29 44.80
N GLY A 385 -21.10 15.45 44.86
CA GLY A 385 -20.40 16.73 44.88
C GLY A 385 -19.46 17.01 43.73
N GLY A 386 -19.87 16.65 42.52
CA GLY A 386 -19.03 16.89 41.36
C GLY A 386 -19.47 16.14 40.13
N CYS A 387 -18.87 16.53 39.02
CA CYS A 387 -19.13 15.94 37.72
C CYS A 387 -18.17 16.52 36.70
N PRO A 388 -17.19 15.73 36.27
CA PRO A 388 -16.17 16.12 35.30
C PRO A 388 -16.82 16.52 33.99
N ALA A 389 -16.44 17.66 33.44
CA ALA A 389 -17.04 18.12 32.20
C ALA A 389 -16.15 19.03 31.37
N ASP A 390 -16.09 18.72 30.08
CA ASP A 390 -15.28 19.49 29.14
C ASP A 390 -16.30 20.35 28.40
N TRP A 391 -16.36 21.63 28.76
CA TRP A 391 -17.30 22.55 28.14
C TRP A 391 -17.08 22.56 26.64
N ILE A 392 -15.83 22.70 26.22
CA ILE A 392 -15.48 22.75 24.79
C ILE A 392 -16.10 21.59 24.01
N TRP A 393 -16.25 20.46 24.67
CA TRP A 393 -16.82 19.30 24.03
C TRP A 393 -18.33 19.21 24.23
N LEU A 394 -18.77 19.46 25.46
CA LEU A 394 -20.18 19.38 25.82
C LEU A 394 -21.12 20.34 25.11
N VAL A 395 -20.62 21.47 24.65
CA VAL A 395 -21.48 22.41 23.96
C VAL A 395 -21.60 22.09 22.47
N PRO A 396 -22.85 21.90 21.98
CA PRO A 396 -23.27 21.60 20.62
C PRO A 396 -22.58 22.48 19.58
N PRO A 397 -22.19 21.90 18.44
CA PRO A 397 -21.50 22.58 17.34
C PRO A 397 -22.35 23.67 16.65
N VAL A 398 -23.64 23.73 16.99
CA VAL A 398 -24.55 24.77 16.50
C VAL A 398 -25.47 25.21 17.62
N SER A 399 -25.93 26.45 17.54
CA SER A 399 -26.85 27.02 18.52
C SER A 399 -26.33 26.89 19.94
N GLY A 400 -25.06 27.24 20.12
CA GLY A 400 -24.43 27.17 21.42
C GLY A 400 -25.19 27.75 22.59
N SER A 401 -25.17 29.08 22.69
CA SER A 401 -25.84 29.80 23.77
C SER A 401 -27.35 29.60 23.86
N ILE A 402 -27.92 28.92 22.87
CA ILE A 402 -29.35 28.65 22.90
C ILE A 402 -29.59 27.49 23.86
N THR A 403 -28.56 26.65 24.04
CA THR A 403 -28.67 25.50 24.96
C THR A 403 -28.16 25.92 26.34
N PRO A 404 -28.74 25.38 27.42
CA PRO A 404 -28.34 25.70 28.78
C PRO A 404 -26.86 25.44 29.13
N VAL A 405 -26.32 24.36 28.59
CA VAL A 405 -24.94 23.95 28.81
C VAL A 405 -23.90 25.03 28.54
N PHE A 406 -24.18 25.90 27.59
CA PHE A 406 -23.26 26.97 27.23
C PHE A 406 -23.01 27.90 28.42
N HIS A 407 -24.06 28.09 29.21
CA HIS A 407 -24.04 28.95 30.38
C HIS A 407 -23.59 28.36 31.67
N GLN A 408 -23.40 27.04 31.69
CA GLN A 408 -22.95 26.36 32.89
C GLN A 408 -21.43 26.39 32.99
N GLU A 409 -20.92 26.76 34.16
CA GLU A 409 -19.48 26.75 34.39
C GLU A 409 -19.21 25.30 34.75
N MET A 410 -18.02 24.82 34.43
CA MET A 410 -17.71 23.43 34.72
C MET A 410 -16.23 23.15 34.77
N LEU A 411 -15.87 22.24 35.69
CA LEU A 411 -14.48 21.81 35.91
C LEU A 411 -14.21 20.51 35.16
N ASN A 412 -13.04 20.44 34.52
CA ASN A 412 -12.66 19.25 33.78
C ASN A 412 -11.58 18.54 34.58
N TYR A 413 -11.79 17.27 34.89
CA TYR A 413 -10.78 16.52 35.63
C TYR A 413 -10.89 15.02 35.43
N VAL A 414 -9.74 14.39 35.26
CA VAL A 414 -9.64 12.95 35.04
C VAL A 414 -9.77 12.12 36.33
N LEU A 415 -10.93 11.52 36.55
CA LEU A 415 -11.08 10.71 37.73
C LEU A 415 -10.64 9.29 37.40
N SER A 416 -11.29 8.31 38.05
CA SER A 416 -11.03 6.87 37.85
C SER A 416 -12.15 6.03 38.50
N PRO A 417 -12.64 5.00 37.80
CA PRO A 417 -12.25 4.54 36.45
C PRO A 417 -12.31 5.61 35.36
N PHE A 418 -11.77 5.32 34.18
CA PHE A 418 -11.76 6.30 33.11
C PHE A 418 -11.48 5.67 31.76
N TYR A 419 -11.97 6.31 30.70
CA TYR A 419 -11.76 5.86 29.31
C TYR A 419 -10.73 6.79 28.68
N TYR A 420 -9.50 6.33 28.55
CA TYR A 420 -8.47 7.17 27.95
C TYR A 420 -8.34 6.91 26.46
N TYR A 421 -7.76 7.87 25.76
CA TYR A 421 -7.49 7.75 24.34
C TYR A 421 -6.22 6.91 24.34
N GLN A 422 -5.82 6.40 23.19
CA GLN A 422 -4.60 5.60 23.13
C GLN A 422 -3.78 6.10 21.97
N ILE A 423 -2.50 5.76 21.92
CA ILE A 423 -1.68 6.18 20.79
C ILE A 423 -2.16 5.34 19.62
N GLU A 424 -2.23 5.93 18.44
CA GLU A 424 -2.68 5.21 17.27
C GLU A 424 -1.82 3.94 17.15
N PRO A 425 -2.45 2.76 17.23
CA PRO A 425 -1.78 1.44 17.14
C PRO A 425 -0.83 1.21 15.98
N TRP A 426 -1.10 1.76 14.80
CA TRP A 426 -0.18 1.53 13.69
C TRP A 426 1.16 2.23 13.88
N LYS A 427 1.15 3.31 14.65
CA LYS A 427 2.37 4.06 14.93
C LYS A 427 3.32 3.21 15.76
N THR A 428 2.79 2.57 16.79
CA THR A 428 3.60 1.73 17.68
C THR A 428 3.16 0.28 17.69
N HIS A 429 3.80 -0.55 16.86
CA HIS A 429 3.44 -1.96 16.80
C HIS A 429 4.56 -2.84 16.24
N ILE A 430 5.01 -3.77 17.08
CA ILE A 430 6.05 -4.71 16.68
C ILE A 430 5.46 -5.69 15.64
N TRP A 431 5.66 -5.36 14.36
CA TRP A 431 5.14 -6.17 13.26
C TRP A 431 5.78 -7.53 13.04
N GLN A 432 4.94 -8.56 12.90
CA GLN A 432 5.38 -9.95 12.69
C GLN A 432 5.82 -10.22 11.25
N ASN A 433 5.00 -9.82 10.28
CA ASN A 433 5.29 -10.01 8.86
C ASN A 433 4.50 -9.05 7.97
N GLN B 13 33.44 -34.96 -32.72
CA GLN B 13 33.61 -34.10 -31.56
C GLN B 13 32.63 -32.92 -31.54
N TYR B 14 31.87 -32.77 -32.63
CA TYR B 14 30.89 -31.69 -32.78
C TYR B 14 29.42 -32.18 -32.71
N VAL B 15 28.51 -31.37 -33.27
CA VAL B 15 27.08 -31.72 -33.31
C VAL B 15 26.53 -31.21 -34.63
N ARG B 16 25.90 -32.07 -35.43
CA ARG B 16 25.35 -31.61 -36.69
C ARG B 16 24.08 -30.78 -36.41
N ILE B 17 23.99 -29.64 -37.09
CA ILE B 17 22.87 -28.70 -36.98
C ILE B 17 22.42 -28.34 -38.39
N LYS B 18 21.29 -28.89 -38.81
CA LYS B 18 20.78 -28.64 -40.15
C LYS B 18 19.89 -27.42 -40.28
N ASN B 19 19.91 -26.79 -41.45
CA ASN B 19 19.07 -25.64 -41.72
C ASN B 19 18.12 -26.06 -42.83
N TRP B 20 17.01 -26.67 -42.45
CA TRP B 20 16.01 -27.18 -43.38
C TRP B 20 15.66 -26.32 -44.57
N GLY B 21 16.06 -25.06 -44.54
CA GLY B 21 15.76 -24.17 -45.64
C GLY B 21 16.72 -24.31 -46.81
N SER B 22 18.01 -24.18 -46.52
CA SER B 22 19.06 -24.27 -47.54
C SER B 22 19.99 -25.48 -47.38
N GLY B 23 19.53 -26.50 -46.67
CA GLY B 23 20.32 -27.71 -46.46
C GLY B 23 21.67 -27.50 -45.77
N GLU B 24 21.94 -26.27 -45.33
CA GLU B 24 23.18 -25.95 -44.66
C GLU B 24 23.40 -26.78 -43.40
N ILE B 25 24.52 -27.49 -43.33
CA ILE B 25 24.82 -28.26 -42.14
C ILE B 25 25.94 -27.52 -41.42
N LEU B 26 25.77 -27.32 -40.12
CA LEU B 26 26.76 -26.63 -39.31
C LEU B 26 27.21 -27.56 -38.22
N HIS B 27 28.48 -27.43 -37.83
CA HIS B 27 29.07 -28.29 -36.79
C HIS B 27 29.40 -27.45 -35.56
N ASP B 28 28.64 -27.62 -34.49
CA ASP B 28 28.87 -26.85 -33.27
C ASP B 28 29.91 -27.45 -32.35
N THR B 29 31.05 -26.77 -32.21
CA THR B 29 32.12 -27.23 -31.34
C THR B 29 32.09 -26.44 -30.02
N LEU B 30 31.53 -25.24 -30.08
CA LEU B 30 31.45 -24.33 -28.94
C LEU B 30 30.62 -24.79 -27.76
N HIS B 31 29.65 -25.67 -27.99
CA HIS B 31 28.79 -26.16 -26.89
C HIS B 31 29.55 -26.85 -25.77
N HIS B 32 30.83 -27.11 -26.00
CA HIS B 32 31.68 -27.75 -25.00
C HIS B 32 32.11 -26.77 -23.90
N LYS B 33 32.29 -25.51 -24.27
CA LYS B 33 32.68 -24.49 -23.28
C LYS B 33 31.48 -24.13 -22.42
N ALA B 34 30.38 -24.86 -22.59
CA ALA B 34 29.16 -24.65 -21.84
C ALA B 34 29.33 -24.86 -20.34
N THR B 35 28.24 -24.75 -19.59
CA THR B 35 28.29 -24.95 -18.15
C THR B 35 27.19 -25.93 -17.72
N CYS B 45 11.48 -32.63 -19.83
CA CYS B 45 12.49 -31.72 -20.36
C CYS B 45 11.98 -30.29 -20.45
N LEU B 46 12.66 -29.40 -19.72
CA LEU B 46 12.33 -27.98 -19.66
C LEU B 46 12.38 -27.31 -21.04
N GLY B 47 11.27 -27.41 -21.76
CA GLY B 47 11.19 -26.83 -23.08
C GLY B 47 10.80 -25.36 -23.02
N SER B 48 9.50 -25.10 -22.91
CA SER B 48 8.98 -23.76 -22.88
C SER B 48 8.82 -23.11 -21.50
N ILE B 49 9.85 -23.19 -20.68
CA ILE B 49 9.82 -22.57 -19.37
C ILE B 49 10.45 -21.19 -19.52
N MET B 50 9.77 -20.17 -19.01
CA MET B 50 10.28 -18.81 -19.11
C MET B 50 11.43 -18.46 -18.18
N ASN B 51 11.23 -18.65 -16.88
CA ASN B 51 12.27 -18.36 -15.90
C ASN B 51 12.81 -19.61 -15.22
N PRO B 52 13.53 -20.46 -15.98
CA PRO B 52 14.08 -21.68 -15.41
C PRO B 52 15.19 -21.31 -14.44
N LYS B 53 15.32 -22.07 -13.36
CA LYS B 53 16.35 -21.79 -12.38
C LYS B 53 17.74 -21.79 -13.03
N SER B 54 17.87 -22.51 -14.14
CA SER B 54 19.11 -22.61 -14.88
C SER B 54 19.57 -21.29 -15.48
N LEU B 55 18.63 -20.35 -15.61
CA LEU B 55 18.95 -19.03 -16.18
C LEU B 55 18.80 -17.89 -15.16
N THR B 56 18.85 -18.23 -13.88
CA THR B 56 18.72 -17.22 -12.85
C THR B 56 19.92 -17.29 -11.90
N ARG B 57 20.49 -16.13 -11.58
CA ARG B 57 21.60 -16.06 -10.64
C ARG B 57 21.05 -15.21 -9.48
N GLY B 58 20.48 -15.89 -8.49
CA GLY B 58 19.88 -15.23 -7.35
C GLY B 58 20.82 -14.68 -6.30
N PRO B 59 20.26 -14.23 -5.16
CA PRO B 59 20.94 -13.63 -4.00
C PRO B 59 21.92 -14.53 -3.19
N ARG B 60 22.83 -13.89 -2.46
CA ARG B 60 23.80 -14.58 -1.61
C ARG B 60 24.21 -13.62 -0.50
N ASP B 61 24.46 -14.14 0.71
CA ASP B 61 24.88 -13.32 1.85
C ASP B 61 26.27 -13.68 2.42
N LYS B 62 27.14 -14.12 1.53
CA LYS B 62 28.51 -14.48 1.86
C LYS B 62 29.27 -14.27 0.57
N PRO B 63 30.48 -13.70 0.65
CA PRO B 63 31.27 -13.48 -0.56
C PRO B 63 31.43 -14.78 -1.31
N THR B 64 31.48 -14.71 -2.63
CA THR B 64 31.63 -15.90 -3.45
C THR B 64 32.92 -16.68 -3.12
N PRO B 65 32.77 -17.89 -2.53
CA PRO B 65 33.86 -18.78 -2.15
C PRO B 65 34.96 -18.90 -3.22
N LEU B 66 36.19 -18.67 -2.79
CA LEU B 66 37.37 -18.69 -3.66
C LEU B 66 37.55 -19.89 -4.59
N GLU B 67 37.32 -21.09 -4.06
CA GLU B 67 37.47 -22.33 -4.83
C GLU B 67 36.67 -22.26 -6.13
N GLU B 68 35.56 -21.53 -6.04
CA GLU B 68 34.63 -21.33 -7.13
C GLU B 68 35.02 -20.08 -7.96
N LEU B 69 35.31 -18.98 -7.28
CA LEU B 69 35.68 -17.71 -7.90
C LEU B 69 37.00 -17.65 -8.67
N LEU B 70 38.06 -18.13 -8.05
CA LEU B 70 39.39 -18.11 -8.66
C LEU B 70 39.54 -18.81 -10.01
N PRO B 71 39.03 -20.06 -10.15
CA PRO B 71 39.15 -20.76 -11.43
C PRO B 71 38.33 -20.12 -12.55
N HIS B 72 37.28 -19.41 -12.17
CA HIS B 72 36.40 -18.71 -13.10
C HIS B 72 37.13 -17.49 -13.67
N ALA B 73 37.80 -16.76 -12.76
CA ALA B 73 38.55 -15.56 -13.11
C ALA B 73 39.65 -15.90 -14.10
N ILE B 74 40.43 -16.92 -13.78
CA ILE B 74 41.54 -17.35 -14.64
C ILE B 74 41.01 -17.65 -16.03
N GLU B 75 39.81 -18.22 -16.08
CA GLU B 75 39.11 -18.58 -17.32
C GLU B 75 38.85 -17.33 -18.16
N PHE B 76 38.17 -16.36 -17.55
CA PHE B 76 37.84 -15.10 -18.19
C PHE B 76 39.08 -14.37 -18.70
N ILE B 77 40.07 -14.26 -17.83
CA ILE B 77 41.32 -13.57 -18.17
C ILE B 77 41.97 -14.27 -19.35
N ASN B 78 41.84 -15.59 -19.41
CA ASN B 78 42.42 -16.34 -20.52
C ASN B 78 41.63 -16.08 -21.82
N GLN B 79 40.33 -15.84 -21.65
CA GLN B 79 39.42 -15.57 -22.77
C GLN B 79 39.64 -14.15 -23.27
N TYR B 80 39.92 -13.24 -22.33
CA TYR B 80 40.17 -11.84 -22.65
C TYR B 80 41.41 -11.70 -23.51
N TYR B 81 42.55 -12.18 -23.01
CA TYR B 81 43.80 -12.08 -23.75
C TYR B 81 43.81 -12.95 -25.00
N GLY B 82 42.92 -13.93 -25.04
CA GLY B 82 42.83 -14.82 -26.17
C GLY B 82 42.09 -14.25 -27.37
N SER B 83 41.51 -13.07 -27.22
CA SER B 83 40.77 -12.44 -28.31
C SER B 83 41.62 -11.50 -29.16
N PHE B 84 42.65 -10.91 -28.57
CA PHE B 84 43.56 -10.00 -29.27
C PHE B 84 44.07 -10.57 -30.60
N LYS B 85 44.00 -9.77 -31.65
CA LYS B 85 44.49 -10.20 -32.96
C LYS B 85 45.98 -10.52 -32.84
N GLU B 86 46.65 -9.76 -31.97
CA GLU B 86 48.08 -9.91 -31.69
C GLU B 86 48.25 -10.32 -30.24
N ALA B 87 48.51 -11.60 -30.00
CA ALA B 87 48.68 -12.11 -28.66
C ALA B 87 49.78 -11.41 -27.87
N LYS B 88 49.41 -10.91 -26.69
CA LYS B 88 50.36 -10.22 -25.82
C LYS B 88 50.73 -11.22 -24.71
N ILE B 89 51.52 -12.23 -25.08
CA ILE B 89 51.95 -13.30 -24.16
C ILE B 89 52.46 -12.73 -22.85
N GLU B 90 53.19 -11.62 -22.97
CA GLU B 90 53.76 -10.91 -21.84
C GLU B 90 52.71 -10.47 -20.81
N GLU B 91 51.87 -9.49 -21.18
CA GLU B 91 50.85 -8.97 -20.26
C GLU B 91 49.83 -10.01 -19.81
N HIS B 92 49.65 -11.06 -20.63
CA HIS B 92 48.72 -12.14 -20.32
C HIS B 92 49.13 -12.79 -18.99
N LEU B 93 50.34 -13.34 -18.94
CA LEU B 93 50.88 -13.96 -17.74
C LEU B 93 50.81 -12.94 -16.61
N ALA B 94 51.33 -11.75 -16.89
CA ALA B 94 51.36 -10.67 -15.93
C ALA B 94 50.00 -10.41 -15.28
N ARG B 95 48.96 -10.29 -16.10
CA ARG B 95 47.61 -10.06 -15.60
C ARG B 95 47.12 -11.30 -14.86
N LEU B 96 47.26 -12.45 -15.51
CA LEU B 96 46.82 -13.72 -14.93
C LEU B 96 47.38 -13.92 -13.53
N GLU B 97 48.70 -13.75 -13.43
CA GLU B 97 49.45 -13.86 -12.19
C GLU B 97 48.93 -12.83 -11.18
N ALA B 98 48.94 -11.57 -11.59
CA ALA B 98 48.49 -10.48 -10.75
C ALA B 98 47.06 -10.67 -10.25
N VAL B 99 46.18 -11.13 -11.13
CA VAL B 99 44.78 -11.35 -10.75
C VAL B 99 44.66 -12.38 -9.63
N THR B 100 45.31 -13.52 -9.82
CA THR B 100 45.28 -14.62 -8.84
C THR B 100 45.55 -14.12 -7.43
N LYS B 101 46.67 -13.42 -7.28
CA LYS B 101 47.10 -12.87 -5.99
C LYS B 101 46.06 -11.93 -5.40
N GLU B 102 45.52 -11.04 -6.24
CA GLU B 102 44.52 -10.08 -5.79
C GLU B 102 43.31 -10.78 -5.17
N ILE B 103 42.94 -11.92 -5.76
CA ILE B 103 41.78 -12.71 -5.31
C ILE B 103 42.02 -13.54 -4.05
N GLU B 104 43.25 -14.05 -3.89
CA GLU B 104 43.61 -14.85 -2.72
C GLU B 104 43.80 -13.97 -1.48
N THR B 105 44.12 -12.70 -1.73
CA THR B 105 44.34 -11.69 -0.69
C THR B 105 43.02 -11.16 -0.11
N THR B 106 42.26 -10.47 -0.96
CA THR B 106 40.98 -9.87 -0.55
C THR B 106 39.77 -10.74 -0.83
N GLY B 107 39.95 -11.80 -1.61
CA GLY B 107 38.83 -12.68 -1.91
C GLY B 107 37.88 -12.15 -2.97
N THR B 108 38.45 -11.45 -3.95
CA THR B 108 37.69 -10.86 -5.06
C THR B 108 38.68 -10.10 -5.92
N TYR B 109 38.18 -9.41 -6.94
CA TYR B 109 39.07 -8.62 -7.80
C TYR B 109 38.30 -7.63 -8.65
N GLN B 110 39.05 -6.77 -9.33
CA GLN B 110 38.47 -5.76 -10.18
C GLN B 110 39.02 -5.96 -11.58
N LEU B 111 38.14 -5.75 -12.56
CA LEU B 111 38.49 -5.87 -13.98
C LEU B 111 38.96 -4.54 -14.50
N THR B 112 39.80 -4.58 -15.53
CA THR B 112 40.25 -3.34 -16.13
C THR B 112 39.04 -2.84 -16.93
N LEU B 113 38.95 -1.52 -17.17
CA LEU B 113 37.83 -0.99 -17.94
C LEU B 113 37.74 -1.76 -19.26
N ASP B 114 38.88 -1.91 -19.93
CA ASP B 114 38.94 -2.63 -21.20
C ASP B 114 38.39 -4.06 -21.10
N GLU B 115 38.54 -4.66 -19.92
CA GLU B 115 38.05 -6.01 -19.69
C GLU B 115 36.52 -6.00 -19.54
N LEU B 116 36.01 -5.10 -18.69
CA LEU B 116 34.56 -4.99 -18.46
C LEU B 116 33.84 -4.77 -19.77
N ILE B 117 34.44 -3.93 -20.62
CA ILE B 117 33.90 -3.65 -21.95
C ILE B 117 33.81 -4.97 -22.72
N PHE B 118 34.92 -5.70 -22.73
CA PHE B 118 34.96 -6.97 -23.41
C PHE B 118 33.90 -7.90 -22.84
N ALA B 119 33.65 -7.77 -21.54
CA ALA B 119 32.67 -8.60 -20.83
C ALA B 119 31.23 -8.38 -21.25
N THR B 120 30.78 -7.13 -21.18
CA THR B 120 29.41 -6.72 -21.55
C THR B 120 29.05 -7.18 -22.95
N LYS B 121 30.00 -7.00 -23.88
CA LYS B 121 29.84 -7.38 -25.28
C LYS B 121 29.78 -8.88 -25.48
N MET B 122 30.56 -9.62 -24.70
CA MET B 122 30.54 -11.07 -24.81
C MET B 122 29.23 -11.58 -24.25
N ALA B 123 28.83 -11.04 -23.09
CA ALA B 123 27.59 -11.44 -22.44
C ALA B 123 26.40 -11.28 -23.38
N TRP B 124 26.46 -10.23 -24.20
CA TRP B 124 25.42 -9.99 -25.19
C TRP B 124 25.62 -11.02 -26.27
N ARG B 125 26.85 -11.11 -26.76
CA ARG B 125 27.20 -12.06 -27.80
C ARG B 125 26.69 -13.45 -27.42
N ASN B 126 26.71 -13.71 -26.10
CA ASN B 126 26.27 -14.98 -25.51
C ASN B 126 24.82 -15.00 -25.00
N ALA B 127 23.97 -14.08 -25.45
CA ALA B 127 22.58 -14.07 -25.02
C ALA B 127 21.72 -14.94 -25.96
N PRO B 128 21.42 -16.17 -25.55
CA PRO B 128 20.63 -17.12 -26.34
C PRO B 128 19.31 -16.62 -26.86
N ARG B 129 18.68 -15.71 -26.12
CA ARG B 129 17.37 -15.22 -26.48
C ARG B 129 17.31 -13.95 -27.34
N CYS B 130 18.45 -13.28 -27.53
CA CYS B 130 18.53 -12.05 -28.33
C CYS B 130 18.64 -12.32 -29.84
N ILE B 131 17.77 -11.67 -30.60
CA ILE B 131 17.71 -11.80 -32.07
C ILE B 131 18.62 -10.80 -32.78
N GLY B 132 18.84 -9.65 -32.17
CA GLY B 132 19.65 -8.63 -32.79
C GLY B 132 21.09 -8.68 -32.34
N ARG B 133 21.61 -9.88 -32.18
CA ARG B 133 22.99 -10.05 -31.73
C ARG B 133 24.08 -9.71 -32.75
N ILE B 134 23.72 -9.52 -34.02
CA ILE B 134 24.74 -9.19 -35.00
C ILE B 134 25.48 -7.90 -34.61
N GLN B 135 24.80 -7.07 -33.83
CA GLN B 135 25.31 -5.80 -33.34
C GLN B 135 26.21 -5.95 -32.12
N TRP B 136 26.24 -7.14 -31.54
CA TRP B 136 27.01 -7.40 -30.34
C TRP B 136 28.28 -6.57 -30.11
N SER B 137 29.11 -6.45 -31.14
CA SER B 137 30.38 -5.72 -31.08
C SER B 137 30.24 -4.20 -31.01
N ASN B 138 29.04 -3.71 -31.31
CA ASN B 138 28.76 -2.29 -31.31
C ASN B 138 27.95 -1.90 -30.07
N LEU B 139 28.63 -1.73 -28.95
CA LEU B 139 27.95 -1.35 -27.71
C LEU B 139 28.68 -0.25 -26.98
N GLN B 140 27.92 0.63 -26.34
CA GLN B 140 28.47 1.73 -25.56
C GLN B 140 28.43 1.29 -24.10
N VAL B 141 29.54 1.45 -23.39
CA VAL B 141 29.64 1.03 -21.99
C VAL B 141 29.82 2.17 -20.99
N PHE B 142 28.87 2.31 -20.08
CA PHE B 142 28.93 3.34 -19.04
C PHE B 142 29.39 2.73 -17.72
N ASP B 143 30.66 2.99 -17.40
CA ASP B 143 31.32 2.52 -16.19
C ASP B 143 30.87 3.33 -14.98
N ALA B 144 29.85 2.85 -14.29
CA ALA B 144 29.33 3.54 -13.12
C ALA B 144 29.65 2.78 -11.85
N ARG B 145 30.77 2.04 -11.87
CA ARG B 145 31.21 1.26 -10.72
C ARG B 145 31.49 2.14 -9.49
N ASN B 146 31.71 3.42 -9.73
CA ASN B 146 32.00 4.38 -8.68
C ASN B 146 30.76 4.83 -7.93
N CYS B 147 29.59 4.54 -8.49
CA CYS B 147 28.34 4.94 -7.85
C CYS B 147 28.29 4.49 -6.39
N SER B 148 27.42 5.13 -5.61
CA SER B 148 27.26 4.79 -4.20
C SER B 148 25.96 5.28 -3.56
N THR B 149 25.09 5.89 -4.36
CA THR B 149 23.79 6.36 -3.86
C THR B 149 22.72 6.28 -4.94
N ALA B 150 21.47 6.22 -4.51
CA ALA B 150 20.35 6.15 -5.43
C ALA B 150 20.30 7.41 -6.27
N GLN B 151 20.55 8.56 -5.65
CA GLN B 151 20.58 9.84 -6.34
C GLN B 151 21.67 9.86 -7.43
N GLU B 152 22.76 9.13 -7.17
CA GLU B 152 23.88 9.03 -8.12
C GLU B 152 23.53 8.02 -9.20
N MET B 153 22.82 6.98 -8.78
CA MET B 153 22.39 5.91 -9.68
C MET B 153 21.39 6.50 -10.67
N PHE B 154 20.41 7.22 -10.14
CA PHE B 154 19.39 7.88 -10.96
C PHE B 154 20.04 8.80 -11.99
N GLN B 155 21.15 9.40 -11.61
CA GLN B 155 21.86 10.29 -12.50
C GLN B 155 22.55 9.56 -13.63
N HIS B 156 22.99 8.34 -13.36
CA HIS B 156 23.65 7.54 -14.39
C HIS B 156 22.66 6.99 -15.38
N ILE B 157 21.48 6.64 -14.86
CA ILE B 157 20.41 6.10 -15.68
C ILE B 157 19.92 7.16 -16.65
N CYS B 158 19.84 8.41 -16.18
CA CYS B 158 19.41 9.50 -17.03
C CYS B 158 20.39 9.73 -18.17
N ARG B 159 21.69 9.65 -17.86
CA ARG B 159 22.73 9.84 -18.87
C ARG B 159 22.57 8.75 -19.91
N HIS B 160 22.22 7.56 -19.45
CA HIS B 160 22.03 6.40 -20.31
C HIS B 160 20.87 6.62 -21.26
N ILE B 161 19.68 6.80 -20.68
CA ILE B 161 18.46 7.05 -21.45
C ILE B 161 18.75 8.13 -22.48
N LEU B 162 19.35 9.23 -22.02
CA LEU B 162 19.70 10.33 -22.89
C LEU B 162 20.70 9.96 -23.98
N TYR B 163 21.70 9.15 -23.65
CA TYR B 163 22.66 8.75 -24.67
C TYR B 163 21.98 7.87 -25.71
N ALA B 164 21.33 6.81 -25.24
CA ALA B 164 20.65 5.87 -26.10
C ALA B 164 19.55 6.47 -26.95
N THR B 165 18.66 7.26 -26.36
CA THR B 165 17.55 7.85 -27.13
C THR B 165 18.04 8.63 -28.36
N ASN B 166 19.07 9.44 -28.17
CA ASN B 166 19.70 10.24 -29.22
C ASN B 166 18.77 10.85 -30.26
N ASN B 167 17.67 11.45 -29.79
CA ASN B 167 16.73 12.10 -30.67
C ASN B 167 16.16 11.15 -31.73
N GLY B 168 15.95 9.89 -31.37
CA GLY B 168 15.41 8.93 -32.32
C GLY B 168 16.44 8.03 -32.99
N ASN B 169 17.68 8.50 -33.13
CA ASN B 169 18.72 7.67 -33.73
C ASN B 169 19.24 6.78 -32.59
N ILE B 170 18.47 5.74 -32.29
CA ILE B 170 18.79 4.85 -31.19
C ILE B 170 20.20 4.24 -31.19
N ARG B 171 20.84 4.31 -30.03
CA ARG B 171 22.16 3.77 -29.83
C ARG B 171 22.12 2.79 -28.65
N SER B 172 22.77 1.64 -28.82
CA SER B 172 22.82 0.58 -27.80
C SER B 172 23.87 0.94 -26.74
N ALA B 173 23.51 0.76 -25.46
CA ALA B 173 24.42 1.06 -24.38
C ALA B 173 24.09 0.29 -23.13
N ILE B 174 25.03 0.33 -22.18
CA ILE B 174 24.86 -0.34 -20.89
C ILE B 174 25.59 0.41 -19.78
N THR B 175 24.92 0.51 -18.63
CA THR B 175 25.50 1.14 -17.46
C THR B 175 25.77 0.07 -16.39
N VAL B 176 27.05 -0.20 -16.20
CA VAL B 176 27.52 -1.18 -15.22
C VAL B 176 27.67 -0.55 -13.85
N PHE B 177 26.84 -0.97 -12.89
CA PHE B 177 26.94 -0.46 -11.51
C PHE B 177 27.81 -1.41 -10.66
N PRO B 178 28.31 -0.93 -9.50
CA PRO B 178 29.17 -1.70 -8.58
C PRO B 178 28.81 -3.17 -8.37
N GLN B 179 29.76 -4.04 -8.68
CA GLN B 179 29.59 -5.49 -8.52
C GLN B 179 29.26 -5.90 -7.09
N ARG B 180 28.58 -7.02 -6.97
CA ARG B 180 28.22 -7.57 -5.69
C ARG B 180 29.53 -8.00 -5.02
N SER B 181 29.63 -7.70 -3.73
CA SER B 181 30.80 -8.06 -2.96
C SER B 181 30.39 -9.11 -1.95
N ASP B 182 29.79 -8.67 -0.84
CA ASP B 182 29.37 -9.58 0.22
C ASP B 182 27.97 -10.12 0.04
N GLY B 183 27.11 -9.33 -0.60
CA GLY B 183 25.74 -9.78 -0.81
C GLY B 183 24.72 -8.84 -0.19
N LYS B 184 25.03 -8.29 0.98
CA LYS B 184 24.12 -7.36 1.64
C LYS B 184 24.28 -5.97 1.05
N HIS B 185 25.25 -5.83 0.14
CA HIS B 185 25.55 -4.56 -0.52
C HIS B 185 25.30 -4.64 -2.03
N ASP B 186 24.08 -5.03 -2.37
CA ASP B 186 23.67 -5.18 -3.77
C ASP B 186 23.09 -3.91 -4.39
N PHE B 187 23.49 -3.64 -5.63
CA PHE B 187 22.95 -2.51 -6.38
C PHE B 187 21.84 -3.10 -7.24
N ARG B 188 20.62 -2.60 -7.11
CA ARG B 188 19.52 -3.15 -7.89
C ARG B 188 18.49 -2.15 -8.39
N LEU B 189 18.15 -2.25 -9.67
CA LEU B 189 17.11 -1.41 -10.27
C LEU B 189 15.89 -2.28 -10.12
N TRP B 190 14.88 -1.80 -9.38
CA TRP B 190 13.68 -2.61 -9.18
C TRP B 190 12.79 -2.79 -10.39
N ASN B 191 12.95 -1.93 -11.39
CA ASN B 191 12.15 -2.01 -12.62
C ASN B 191 12.58 -3.16 -13.52
N SER B 192 11.70 -3.53 -14.44
CA SER B 192 11.98 -4.58 -15.41
C SER B 192 12.71 -3.93 -16.59
N GLN B 193 12.22 -2.79 -17.03
CA GLN B 193 12.82 -2.04 -18.12
C GLN B 193 12.94 -0.60 -17.62
N LEU B 194 13.76 0.23 -18.27
CA LEU B 194 13.91 1.62 -17.86
C LEU B 194 12.63 2.41 -18.07
N ILE B 195 12.19 2.51 -19.32
CA ILE B 195 10.93 3.19 -19.66
C ILE B 195 9.88 2.09 -19.72
N ARG B 196 8.77 2.30 -19.02
CA ARG B 196 7.72 1.28 -18.97
C ARG B 196 6.43 1.89 -18.45
N TYR B 197 5.34 1.68 -19.19
CA TYR B 197 4.03 2.22 -18.83
C TYR B 197 3.41 1.54 -17.61
N ALA B 198 2.65 2.32 -16.84
CA ALA B 198 2.01 1.82 -15.64
C ALA B 198 0.65 1.18 -15.88
N GLY B 199 0.22 0.37 -14.93
CA GLY B 199 -1.07 -0.29 -15.03
C GLY B 199 -1.87 -0.16 -13.75
N TYR B 200 -3.06 0.43 -13.85
CA TYR B 200 -3.92 0.62 -12.70
C TYR B 200 -5.16 -0.26 -12.81
N GLN B 201 -5.55 -0.83 -11.68
CA GLN B 201 -6.75 -1.66 -11.60
C GLN B 201 -7.83 -0.61 -11.27
N MET B 202 -8.56 -0.18 -12.29
CA MET B 202 -9.59 0.82 -12.09
C MET B 202 -10.77 0.41 -11.20
N PRO B 203 -11.50 1.42 -10.67
CA PRO B 203 -12.67 1.24 -9.80
C PRO B 203 -13.75 0.38 -10.45
N ASP B 204 -14.14 0.75 -11.66
CA ASP B 204 -15.17 0.03 -12.41
C ASP B 204 -14.82 -1.41 -12.87
N GLY B 205 -13.84 -2.03 -12.19
CA GLY B 205 -13.42 -3.39 -12.52
C GLY B 205 -12.42 -3.53 -13.66
N THR B 206 -12.43 -2.55 -14.56
CA THR B 206 -11.53 -2.55 -15.71
C THR B 206 -10.07 -2.30 -15.33
N ILE B 207 -9.18 -2.60 -16.28
CA ILE B 207 -7.75 -2.40 -16.08
C ILE B 207 -7.33 -1.34 -17.08
N ARG B 208 -6.55 -0.35 -16.63
CA ARG B 208 -6.08 0.71 -17.51
C ARG B 208 -4.57 0.68 -17.60
N GLY B 209 -4.05 0.95 -18.80
CA GLY B 209 -2.62 0.95 -19.04
C GLY B 209 -2.08 -0.43 -19.37
N ASP B 210 -0.80 -0.65 -19.06
CA ASP B 210 -0.13 -1.93 -19.30
C ASP B 210 -0.50 -2.89 -18.17
N ALA B 211 -1.44 -3.79 -18.44
CA ALA B 211 -1.88 -4.74 -17.43
C ALA B 211 -0.82 -5.66 -16.86
N ALA B 212 0.35 -5.70 -17.46
CA ALA B 212 1.42 -6.58 -16.96
C ALA B 212 2.13 -5.96 -15.75
N THR B 213 2.09 -4.63 -15.66
CA THR B 213 2.73 -3.91 -14.58
C THR B 213 1.83 -3.55 -13.39
N LEU B 214 0.66 -4.18 -13.28
CA LEU B 214 -0.25 -3.93 -12.16
C LEU B 214 0.44 -4.10 -10.80
N GLU B 215 1.23 -5.16 -10.67
CA GLU B 215 1.96 -5.46 -9.44
C GLU B 215 2.92 -4.31 -9.10
N PHE B 216 3.90 -4.11 -9.97
CA PHE B 216 4.92 -3.08 -9.79
C PHE B 216 4.35 -1.68 -9.67
N THR B 217 3.24 -1.41 -10.37
CA THR B 217 2.61 -0.09 -10.30
C THR B 217 2.14 0.15 -8.87
N GLN B 218 1.53 -0.87 -8.27
CA GLN B 218 1.06 -0.76 -6.90
C GLN B 218 2.26 -0.41 -6.01
N LEU B 219 3.33 -1.20 -6.13
CA LEU B 219 4.54 -0.98 -5.33
C LEU B 219 4.95 0.49 -5.38
N CYS B 220 5.06 1.05 -6.57
CA CYS B 220 5.44 2.46 -6.72
C CYS B 220 4.54 3.37 -5.91
N ILE B 221 3.26 3.03 -5.85
CA ILE B 221 2.29 3.82 -5.10
C ILE B 221 2.60 3.71 -3.61
N ASP B 222 3.02 2.51 -3.18
CA ASP B 222 3.38 2.26 -1.78
C ASP B 222 4.59 3.08 -1.38
N LEU B 223 5.54 3.23 -2.29
CA LEU B 223 6.75 4.01 -2.01
C LEU B 223 6.52 5.49 -2.29
N GLY B 224 5.25 5.90 -2.22
CA GLY B 224 4.86 7.28 -2.42
C GLY B 224 5.00 7.88 -3.80
N TRP B 225 4.37 7.26 -4.78
CA TRP B 225 4.43 7.77 -6.15
C TRP B 225 3.02 8.23 -6.46
N LYS B 226 2.90 9.32 -7.23
CA LYS B 226 1.60 9.87 -7.60
C LYS B 226 1.05 9.28 -8.88
N PRO B 227 0.09 8.33 -8.77
CA PRO B 227 -0.50 7.72 -9.96
C PRO B 227 -1.39 8.72 -10.69
N ARG B 228 -0.97 9.11 -11.89
CA ARG B 228 -1.75 10.06 -12.69
C ARG B 228 -2.89 9.40 -13.48
N TYR B 229 -3.21 8.16 -13.11
CA TYR B 229 -4.27 7.35 -13.72
C TYR B 229 -4.52 7.54 -15.22
N GLY B 230 -3.57 7.09 -16.03
CA GLY B 230 -3.67 7.19 -17.48
C GLY B 230 -3.26 5.90 -18.18
N ARG B 231 -3.39 5.87 -19.51
CA ARG B 231 -3.04 4.69 -20.30
C ARG B 231 -1.55 4.56 -20.54
N PHE B 232 -0.87 5.69 -20.67
CA PHE B 232 0.55 5.68 -20.94
C PHE B 232 1.37 6.52 -19.97
N ASP B 233 1.24 6.22 -18.68
CA ASP B 233 2.00 6.96 -17.66
C ASP B 233 3.31 6.24 -17.39
N VAL B 234 4.41 6.91 -17.68
CA VAL B 234 5.72 6.32 -17.47
C VAL B 234 5.96 6.02 -15.99
N LEU B 235 6.34 4.78 -15.71
CA LEU B 235 6.64 4.37 -14.35
C LEU B 235 7.93 5.03 -13.84
N PRO B 236 8.00 5.25 -12.52
CA PRO B 236 9.15 5.86 -11.87
C PRO B 236 10.26 4.86 -11.60
N LEU B 237 11.50 5.35 -11.67
CA LEU B 237 12.64 4.50 -11.40
C LEU B 237 12.72 4.22 -9.90
N VAL B 238 12.63 2.96 -9.53
CA VAL B 238 12.72 2.55 -8.13
C VAL B 238 14.13 2.02 -7.98
N LEU B 239 14.98 2.79 -7.32
CA LEU B 239 16.38 2.41 -7.18
C LEU B 239 16.88 2.03 -5.79
N GLN B 240 17.72 1.01 -5.75
CA GLN B 240 18.32 0.47 -4.52
C GLN B 240 19.83 0.49 -4.70
N ALA B 241 20.55 1.24 -3.86
CA ALA B 241 22.01 1.32 -3.95
C ALA B 241 22.74 0.72 -2.76
N ASP B 242 23.90 0.10 -3.03
CA ASP B 242 24.75 -0.53 -2.01
C ASP B 242 23.96 -1.19 -0.88
N GLY B 243 23.14 -2.17 -1.26
CA GLY B 243 22.32 -2.88 -0.29
C GLY B 243 21.26 -2.09 0.47
N GLN B 244 21.27 -0.77 0.33
CA GLN B 244 20.32 0.09 1.03
C GLN B 244 18.85 -0.18 0.70
N ASP B 245 18.01 0.83 0.92
CA ASP B 245 16.60 0.73 0.63
C ASP B 245 16.31 1.38 -0.71
N PRO B 246 15.18 1.00 -1.35
CA PRO B 246 14.78 1.54 -2.66
C PRO B 246 14.17 2.93 -2.60
N GLU B 247 14.72 3.81 -3.43
CA GLU B 247 14.27 5.18 -3.55
C GLU B 247 13.61 5.38 -4.91
N VAL B 248 12.55 6.18 -4.91
CA VAL B 248 11.79 6.44 -6.12
C VAL B 248 12.08 7.79 -6.80
N PHE B 249 12.34 7.74 -8.10
CA PHE B 249 12.63 8.93 -8.90
C PHE B 249 11.80 8.89 -10.19
N GLU B 250 11.10 9.97 -10.49
CA GLU B 250 10.31 10.05 -11.71
C GLU B 250 11.26 10.37 -12.86
N ILE B 251 11.09 9.67 -13.98
CA ILE B 251 11.94 9.89 -15.13
C ILE B 251 11.53 11.20 -15.81
N PRO B 252 12.47 12.16 -15.90
CA PRO B 252 12.22 13.47 -16.52
C PRO B 252 11.58 13.30 -17.89
N PRO B 253 10.31 13.70 -18.03
CA PRO B 253 9.55 13.60 -19.27
C PRO B 253 10.29 13.99 -20.54
N ASP B 254 11.27 14.89 -20.44
CA ASP B 254 12.02 15.28 -21.62
C ASP B 254 12.98 14.17 -22.06
N LEU B 255 13.13 13.16 -21.21
CA LEU B 255 14.03 12.05 -21.50
C LEU B 255 13.34 10.87 -22.17
N VAL B 256 12.04 10.76 -21.94
CA VAL B 256 11.25 9.68 -22.53
C VAL B 256 10.71 10.11 -23.90
N LEU B 257 11.32 9.58 -24.96
CA LEU B 257 10.88 9.86 -26.34
C LEU B 257 9.80 8.86 -26.72
N GLU B 258 8.69 9.35 -27.26
CA GLU B 258 7.59 8.48 -27.64
C GLU B 258 7.20 8.61 -29.11
N VAL B 259 6.51 7.58 -29.61
CA VAL B 259 6.04 7.52 -30.98
C VAL B 259 4.52 7.37 -30.95
N THR B 260 3.80 8.20 -31.70
CA THR B 260 2.34 8.16 -31.76
C THR B 260 1.93 7.20 -32.87
N MET B 261 1.11 6.20 -32.55
CA MET B 261 0.67 5.21 -33.53
C MET B 261 -0.25 5.80 -34.59
N GLU B 262 0.10 5.56 -35.83
CA GLU B 262 -0.61 6.12 -36.97
C GLU B 262 -0.46 5.20 -38.19
N HIS B 263 -1.60 4.79 -38.76
CA HIS B 263 -1.59 3.91 -39.93
C HIS B 263 -1.51 4.72 -41.22
N PRO B 264 -0.76 4.22 -42.22
CA PRO B 264 -0.60 4.90 -43.50
C PRO B 264 -1.80 4.88 -44.47
N LYS B 265 -2.88 4.19 -44.09
CA LYS B 265 -4.07 4.12 -44.94
C LYS B 265 -5.29 4.40 -44.10
N TYR B 266 -5.32 3.84 -42.91
CA TYR B 266 -6.44 4.02 -41.98
C TYR B 266 -6.30 5.28 -41.15
N GLU B 267 -7.04 6.31 -41.51
CA GLU B 267 -7.01 7.58 -40.77
C GLU B 267 -7.65 7.39 -39.38
N TRP B 268 -8.41 6.32 -39.21
CA TRP B 268 -9.04 6.06 -37.95
C TRP B 268 -8.07 5.45 -36.95
N PHE B 269 -6.84 5.16 -37.38
CA PHE B 269 -5.89 4.56 -36.45
C PHE B 269 -5.46 5.54 -35.35
N GLN B 270 -5.13 6.77 -35.72
CA GLN B 270 -4.74 7.77 -34.73
C GLN B 270 -5.85 7.95 -33.72
N GLU B 271 -7.10 7.79 -34.18
CA GLU B 271 -8.26 7.92 -33.30
C GLU B 271 -8.20 6.92 -32.15
N LEU B 272 -7.33 5.93 -32.26
CA LEU B 272 -7.20 4.94 -31.20
C LEU B 272 -6.39 5.54 -30.04
N GLY B 273 -5.65 6.60 -30.35
CA GLY B 273 -4.85 7.30 -29.36
C GLY B 273 -3.73 6.49 -28.74
N LEU B 274 -3.13 5.60 -29.54
CA LEU B 274 -2.05 4.74 -29.08
C LEU B 274 -0.70 5.38 -29.30
N LYS B 275 0.28 4.86 -28.57
CA LYS B 275 1.65 5.30 -28.66
C LYS B 275 2.53 4.36 -27.84
N TRP B 276 3.85 4.47 -28.05
CA TRP B 276 4.77 3.62 -27.33
C TRP B 276 6.09 4.35 -27.24
N TYR B 277 6.91 3.97 -26.24
CA TYR B 277 8.23 4.57 -26.04
C TYR B 277 9.22 3.97 -27.03
N ALA B 278 10.22 4.76 -27.40
CA ALA B 278 11.22 4.31 -28.37
C ALA B 278 12.36 3.51 -27.79
N LEU B 279 12.56 3.59 -26.48
CA LEU B 279 13.67 2.91 -25.85
C LEU B 279 13.42 1.58 -25.11
N PRO B 280 13.90 0.48 -25.71
CA PRO B 280 13.76 -0.87 -25.13
C PRO B 280 15.02 -1.09 -24.30
N ALA B 281 14.89 -1.03 -22.98
CA ALA B 281 16.07 -1.19 -22.15
C ALA B 281 15.80 -2.05 -20.94
N VAL B 282 16.39 -3.25 -20.95
CA VAL B 282 16.23 -4.20 -19.85
C VAL B 282 16.99 -3.70 -18.63
N ALA B 283 16.27 -3.59 -17.52
CA ALA B 283 16.80 -3.05 -16.29
C ALA B 283 17.07 -3.99 -15.13
N ASN B 284 16.63 -5.24 -15.21
CA ASN B 284 16.82 -6.14 -14.08
C ASN B 284 17.66 -7.40 -14.29
N MET B 285 18.72 -7.30 -15.07
CA MET B 285 19.53 -8.48 -15.29
C MET B 285 20.95 -8.41 -14.73
N LEU B 286 21.39 -9.54 -14.19
CA LEU B 286 22.71 -9.63 -13.60
C LEU B 286 23.74 -10.00 -14.65
N LEU B 287 24.87 -9.29 -14.63
CA LEU B 287 25.95 -9.58 -15.56
C LEU B 287 27.01 -10.42 -14.84
N GLU B 288 27.18 -11.67 -15.27
CA GLU B 288 28.20 -12.53 -14.69
C GLU B 288 29.41 -12.53 -15.63
N VAL B 289 30.56 -12.26 -15.07
CA VAL B 289 31.80 -12.26 -15.83
C VAL B 289 32.90 -12.73 -14.90
N GLY B 290 33.66 -13.72 -15.36
CA GLY B 290 34.75 -14.26 -14.57
C GLY B 290 34.46 -14.44 -13.09
N GLY B 291 33.30 -14.99 -12.76
CA GLY B 291 32.97 -15.19 -11.36
C GLY B 291 32.43 -13.98 -10.63
N LEU B 292 32.60 -12.79 -11.21
CA LEU B 292 32.08 -11.58 -10.58
C LEU B 292 30.61 -11.41 -10.98
N GLU B 293 29.82 -10.88 -10.06
CA GLU B 293 28.39 -10.68 -10.33
C GLU B 293 27.97 -9.22 -10.25
N PHE B 294 27.26 -8.76 -11.28
CA PHE B 294 26.76 -7.39 -11.34
C PHE B 294 25.24 -7.42 -11.36
N PRO B 295 24.61 -7.22 -10.19
CA PRO B 295 23.15 -7.21 -9.95
C PRO B 295 22.40 -6.09 -10.63
N ALA B 296 23.12 -5.02 -10.95
CA ALA B 296 22.52 -3.86 -11.61
C ALA B 296 23.39 -3.40 -12.76
N CYS B 297 22.84 -3.51 -13.96
CA CYS B 297 23.54 -3.09 -15.16
C CYS B 297 22.50 -3.08 -16.27
N PRO B 298 21.73 -1.99 -16.38
CA PRO B 298 20.72 -1.90 -17.43
C PRO B 298 21.36 -1.68 -18.80
N PHE B 299 20.69 -2.21 -19.82
CA PHE B 299 21.16 -2.09 -21.20
C PHE B 299 19.98 -1.95 -22.17
N ASN B 300 20.29 -1.47 -23.37
CA ASN B 300 19.26 -1.26 -24.39
C ASN B 300 19.80 -1.43 -25.78
N GLY B 301 18.85 -1.57 -26.70
CA GLY B 301 19.15 -1.69 -28.11
C GLY B 301 18.03 -0.88 -28.72
N TRP B 302 17.46 -1.33 -29.81
CA TRP B 302 16.35 -0.64 -30.43
C TRP B 302 15.22 -1.64 -30.66
N TYR B 303 14.01 -1.15 -30.85
CA TYR B 303 12.87 -2.04 -31.03
C TYR B 303 12.80 -2.89 -32.27
N MET B 304 12.00 -3.97 -32.17
CA MET B 304 11.73 -4.83 -33.30
C MET B 304 10.22 -4.79 -33.39
N GLY B 305 9.73 -4.20 -34.47
CA GLY B 305 8.30 -4.06 -34.69
C GLY B 305 7.31 -4.94 -33.95
N THR B 306 7.41 -6.24 -34.15
CA THR B 306 6.47 -7.18 -33.53
C THR B 306 6.40 -7.08 -32.02
N GLU B 307 7.44 -6.50 -31.43
CA GLU B 307 7.51 -6.32 -29.99
C GLU B 307 6.42 -5.39 -29.50
N ILE B 308 6.28 -4.26 -30.17
CA ILE B 308 5.27 -3.30 -29.83
C ILE B 308 3.97 -3.77 -30.48
N GLY B 309 4.01 -3.94 -31.80
CA GLY B 309 2.84 -4.36 -32.53
C GLY B 309 2.14 -5.64 -32.10
N VAL B 310 2.89 -6.73 -31.95
CA VAL B 310 2.28 -8.02 -31.59
C VAL B 310 2.15 -8.33 -30.10
N ARG B 311 3.23 -8.12 -29.35
CA ARG B 311 3.24 -8.40 -27.91
C ARG B 311 2.54 -7.35 -27.05
N ASP B 312 3.13 -6.15 -26.99
CA ASP B 312 2.57 -5.05 -26.19
C ASP B 312 1.11 -4.74 -26.52
N PHE B 313 0.83 -4.46 -27.79
CA PHE B 313 -0.52 -4.15 -28.23
C PHE B 313 -1.49 -5.31 -28.34
N CYS B 314 -1.02 -6.48 -28.76
CA CYS B 314 -1.92 -7.60 -28.96
C CYS B 314 -2.15 -8.71 -27.93
N ASP B 315 -1.19 -8.96 -27.03
CA ASP B 315 -1.39 -9.99 -26.02
C ASP B 315 -2.60 -9.67 -25.16
N THR B 316 -3.35 -10.69 -24.77
CA THR B 316 -4.54 -10.47 -23.94
C THR B 316 -4.20 -9.95 -22.55
N GLN B 317 -2.97 -10.23 -22.10
CA GLN B 317 -2.52 -9.78 -20.78
C GLN B 317 -1.89 -8.40 -20.78
N ARG B 318 -1.66 -7.83 -21.95
CA ARG B 318 -1.04 -6.51 -22.04
C ARG B 318 -2.13 -5.55 -22.48
N TYR B 319 -1.87 -4.75 -23.51
CA TYR B 319 -2.86 -3.78 -24.01
C TYR B 319 -4.09 -4.32 -24.73
N ASN B 320 -4.05 -5.59 -25.14
CA ASN B 320 -5.16 -6.27 -25.81
C ASN B 320 -6.11 -5.38 -26.65
N ILE B 321 -5.67 -4.99 -27.84
CA ILE B 321 -6.48 -4.13 -28.70
C ILE B 321 -6.87 -4.81 -30.02
N LEU B 322 -6.55 -6.09 -30.15
CA LEU B 322 -6.81 -6.80 -31.39
C LEU B 322 -8.26 -6.83 -31.84
N GLU B 323 -9.21 -6.98 -30.91
CA GLU B 323 -10.61 -7.03 -31.31
C GLU B 323 -11.15 -5.67 -31.79
N GLU B 324 -10.76 -4.61 -31.11
CA GLU B 324 -11.20 -3.27 -31.44
C GLU B 324 -10.67 -2.86 -32.80
N VAL B 325 -9.42 -3.24 -33.09
CA VAL B 325 -8.79 -2.93 -34.37
C VAL B 325 -9.42 -3.74 -35.50
N GLY B 326 -9.83 -4.96 -35.18
CA GLY B 326 -10.45 -5.81 -36.17
C GLY B 326 -11.88 -5.36 -36.38
N ARG B 327 -12.56 -5.05 -35.28
CA ARG B 327 -13.96 -4.64 -35.30
C ARG B 327 -14.18 -3.44 -36.21
N ARG B 328 -13.35 -2.41 -36.07
CA ARG B 328 -13.51 -1.23 -36.92
C ARG B 328 -12.64 -1.25 -38.17
N MET B 329 -12.30 -2.45 -38.61
CA MET B 329 -11.51 -2.65 -39.82
C MET B 329 -12.49 -3.26 -40.83
N GLY B 330 -13.67 -3.62 -40.33
CA GLY B 330 -14.72 -4.21 -41.16
C GLY B 330 -14.84 -5.72 -41.04
N LEU B 331 -13.76 -6.33 -40.56
CA LEU B 331 -13.66 -7.77 -40.40
C LEU B 331 -14.73 -8.40 -39.52
N GLU B 332 -15.03 -9.66 -39.79
CA GLU B 332 -16.04 -10.40 -39.04
C GLU B 332 -15.42 -11.05 -37.81
N THR B 333 -15.27 -10.23 -36.77
CA THR B 333 -14.67 -10.63 -35.50
C THR B 333 -15.45 -11.64 -34.67
N HIS B 334 -16.58 -12.11 -35.20
CA HIS B 334 -17.43 -13.09 -34.53
C HIS B 334 -17.01 -14.53 -34.83
N THR B 335 -16.59 -14.78 -36.07
CA THR B 335 -16.17 -16.10 -36.52
C THR B 335 -14.66 -16.19 -36.66
N LEU B 336 -14.07 -16.94 -35.74
CA LEU B 336 -12.64 -17.15 -35.67
C LEU B 336 -12.02 -17.62 -36.98
N ALA B 337 -12.65 -18.59 -37.62
CA ALA B 337 -12.12 -19.14 -38.85
C ALA B 337 -11.87 -18.13 -39.97
N SER B 338 -12.40 -16.91 -39.84
CA SER B 338 -12.22 -15.91 -40.88
C SER B 338 -10.81 -15.34 -40.93
N LEU B 339 -9.98 -15.74 -39.98
CA LEU B 339 -8.58 -15.26 -39.89
C LEU B 339 -8.48 -13.73 -39.71
N TRP B 340 -9.52 -13.13 -39.14
CA TRP B 340 -9.53 -11.68 -38.93
C TRP B 340 -8.38 -11.24 -38.03
N LYS B 341 -8.06 -12.06 -37.02
CA LYS B 341 -6.96 -11.76 -36.11
C LYS B 341 -5.65 -11.63 -36.90
N ASP B 342 -5.49 -12.53 -37.88
CA ASP B 342 -4.30 -12.55 -38.73
C ASP B 342 -4.18 -11.29 -39.58
N ARG B 343 -5.31 -10.78 -40.07
CA ARG B 343 -5.31 -9.59 -40.90
C ARG B 343 -5.10 -8.32 -40.05
N ALA B 344 -5.74 -8.31 -38.88
CA ALA B 344 -5.66 -7.19 -37.95
C ALA B 344 -4.25 -6.98 -37.43
N VAL B 345 -3.71 -7.98 -36.74
CA VAL B 345 -2.37 -7.86 -36.17
C VAL B 345 -1.36 -7.35 -37.18
N THR B 346 -1.48 -7.81 -38.42
CA THR B 346 -0.57 -7.36 -39.47
C THR B 346 -0.70 -5.84 -39.67
N GLU B 347 -1.93 -5.33 -39.70
CA GLU B 347 -2.13 -3.90 -39.88
C GLU B 347 -1.61 -3.12 -38.68
N ILE B 348 -1.79 -3.68 -37.48
CA ILE B 348 -1.28 -3.03 -36.28
C ILE B 348 0.23 -2.94 -36.44
N ASN B 349 0.83 -4.01 -36.97
CA ASN B 349 2.27 -4.07 -37.20
C ASN B 349 2.70 -3.01 -38.20
N VAL B 350 1.96 -2.91 -39.29
CA VAL B 350 2.30 -1.92 -40.30
C VAL B 350 2.25 -0.51 -39.67
N ALA B 351 1.28 -0.28 -38.77
CA ALA B 351 1.13 0.99 -38.08
C ALA B 351 2.37 1.31 -37.20
N VAL B 352 2.82 0.33 -36.42
CA VAL B 352 3.98 0.52 -35.54
C VAL B 352 5.16 0.89 -36.41
N LEU B 353 5.46 0.05 -37.39
CA LEU B 353 6.59 0.29 -38.28
C LEU B 353 6.53 1.64 -38.96
N HIS B 354 5.38 1.94 -39.55
CA HIS B 354 5.17 3.19 -40.26
C HIS B 354 5.50 4.41 -39.40
N SER B 355 4.85 4.48 -38.23
CA SER B 355 5.04 5.58 -37.28
C SER B 355 6.50 5.79 -36.90
N PHE B 356 7.17 4.72 -36.48
CA PHE B 356 8.57 4.81 -36.11
C PHE B 356 9.41 5.29 -37.29
N GLN B 357 8.99 4.96 -38.50
CA GLN B 357 9.72 5.37 -39.71
C GLN B 357 9.46 6.84 -40.01
N LYS B 358 8.20 7.23 -39.83
CA LYS B 358 7.76 8.59 -40.07
C LYS B 358 8.37 9.60 -39.12
N GLN B 359 8.33 9.30 -37.83
CA GLN B 359 8.85 10.22 -36.83
C GLN B 359 10.34 10.07 -36.59
N ASN B 360 11.02 9.50 -37.58
CA ASN B 360 12.47 9.28 -37.53
C ASN B 360 13.08 8.62 -36.30
N VAL B 361 12.53 7.46 -35.95
CA VAL B 361 13.01 6.69 -34.82
C VAL B 361 13.43 5.31 -35.30
N THR B 362 14.61 4.87 -34.89
CA THR B 362 15.12 3.57 -35.29
C THR B 362 14.16 2.46 -34.88
N ILE B 363 14.07 1.46 -35.74
CA ILE B 363 13.24 0.28 -35.50
C ILE B 363 13.48 -0.64 -36.68
N MET B 364 13.45 -1.94 -36.43
CA MET B 364 13.66 -2.92 -37.49
C MET B 364 12.54 -3.94 -37.50
N ASP B 365 12.01 -4.21 -38.70
CA ASP B 365 10.94 -5.19 -38.85
C ASP B 365 11.52 -6.59 -38.58
N HIS B 366 10.65 -7.54 -38.28
CA HIS B 366 11.10 -8.90 -37.95
C HIS B 366 11.72 -9.70 -39.06
N HIS B 367 11.37 -9.41 -40.30
CA HIS B 367 11.94 -10.13 -41.43
C HIS B 367 13.40 -9.73 -41.59
N THR B 368 13.63 -8.42 -41.67
CA THR B 368 14.98 -7.89 -41.82
C THR B 368 15.80 -8.38 -40.63
N ALA B 369 15.14 -8.45 -39.47
CA ALA B 369 15.76 -8.87 -38.20
C ALA B 369 16.23 -10.30 -38.28
N SER B 370 15.36 -11.17 -38.80
CA SER B 370 15.68 -12.58 -38.93
C SER B 370 16.84 -12.81 -39.86
N GLU B 371 16.81 -12.20 -41.03
CA GLU B 371 17.90 -12.36 -41.99
C GLU B 371 19.19 -11.86 -41.36
N SER B 372 19.07 -10.81 -40.55
CA SER B 372 20.19 -10.21 -39.83
C SER B 372 20.83 -11.23 -38.88
N PHE B 373 19.99 -11.94 -38.12
CA PHE B 373 20.50 -12.92 -37.18
C PHE B 373 21.19 -14.09 -37.84
N MET B 374 20.56 -14.64 -38.88
CA MET B 374 21.11 -15.76 -39.61
C MET B 374 22.52 -15.45 -40.04
N LYS B 375 22.73 -14.24 -40.57
CA LYS B 375 24.05 -13.81 -41.01
C LYS B 375 24.99 -13.83 -39.81
N HIS B 376 24.53 -13.32 -38.67
CA HIS B 376 25.34 -13.30 -37.45
C HIS B 376 25.71 -14.71 -37.04
N MET B 377 24.76 -15.63 -37.15
CA MET B 377 25.00 -17.01 -36.77
C MET B 377 26.10 -17.61 -37.61
N GLN B 378 26.01 -17.49 -38.93
CA GLN B 378 27.03 -18.01 -39.84
C GLN B 378 28.39 -17.47 -39.46
N ASN B 379 28.46 -16.17 -39.15
CA ASN B 379 29.72 -15.53 -38.76
C ASN B 379 30.28 -16.17 -37.51
N GLU B 380 29.40 -16.49 -36.56
CA GLU B 380 29.79 -17.11 -35.30
C GLU B 380 30.28 -18.56 -35.43
N TYR B 381 29.65 -19.33 -36.30
CA TYR B 381 30.05 -20.72 -36.52
C TYR B 381 31.36 -20.81 -37.30
N ARG B 382 31.79 -19.68 -37.87
CA ARG B 382 33.04 -19.59 -38.60
C ARG B 382 34.12 -19.16 -37.62
N ALA B 383 33.85 -18.09 -36.90
CA ALA B 383 34.78 -17.53 -35.91
C ALA B 383 34.92 -18.42 -34.69
N ARG B 384 33.87 -18.45 -33.85
CA ARG B 384 33.89 -19.25 -32.63
C ARG B 384 33.50 -20.71 -32.80
N GLY B 385 32.88 -21.03 -33.93
CA GLY B 385 32.44 -22.39 -34.16
C GLY B 385 31.24 -22.71 -33.28
N GLY B 386 30.31 -21.77 -33.17
CA GLY B 386 29.14 -21.97 -32.35
C GLY B 386 28.44 -20.68 -31.96
N CYS B 387 27.16 -20.79 -31.58
CA CYS B 387 26.34 -19.65 -31.17
C CYS B 387 25.12 -20.15 -30.41
N PRO B 388 25.03 -19.84 -29.11
CA PRO B 388 23.90 -20.26 -28.27
C PRO B 388 22.62 -19.65 -28.78
N ALA B 389 21.61 -20.49 -29.02
CA ALA B 389 20.34 -19.98 -29.55
C ALA B 389 19.09 -20.66 -29.00
N ASP B 390 18.16 -19.84 -28.53
CA ASP B 390 16.89 -20.33 -28.00
C ASP B 390 15.85 -20.15 -29.11
N TRP B 391 15.63 -21.20 -29.87
CA TRP B 391 14.68 -21.15 -30.97
C TRP B 391 13.37 -20.53 -30.53
N ILE B 392 12.84 -20.98 -29.40
CA ILE B 392 11.56 -20.48 -28.88
C ILE B 392 11.49 -18.97 -28.76
N TRP B 393 12.64 -18.35 -28.48
CA TRP B 393 12.70 -16.90 -28.34
C TRP B 393 13.13 -16.17 -29.62
N LEU B 394 13.99 -16.81 -30.39
CA LEU B 394 14.50 -16.22 -31.63
C LEU B 394 13.53 -16.18 -32.81
N VAL B 395 12.39 -16.86 -32.71
CA VAL B 395 11.39 -16.86 -33.77
C VAL B 395 10.31 -15.84 -33.43
N PRO B 396 10.08 -14.86 -34.34
CA PRO B 396 9.10 -13.77 -34.22
C PRO B 396 7.70 -14.26 -33.88
N PRO B 397 6.98 -13.50 -33.05
CA PRO B 397 5.61 -13.82 -32.61
C PRO B 397 4.55 -13.92 -33.73
N VAL B 398 4.91 -13.52 -34.94
CA VAL B 398 4.01 -13.63 -36.08
C VAL B 398 4.82 -14.01 -37.31
N SER B 399 4.17 -14.67 -38.27
CA SER B 399 4.82 -15.09 -39.50
C SER B 399 6.07 -15.95 -39.25
N GLY B 400 5.99 -16.83 -38.25
CA GLY B 400 7.09 -17.70 -37.89
C GLY B 400 7.84 -18.34 -39.05
N SER B 401 7.26 -19.40 -39.61
CA SER B 401 7.87 -20.13 -40.72
C SER B 401 8.20 -19.28 -41.95
N ILE B 402 7.68 -18.05 -42.00
CA ILE B 402 7.97 -17.16 -43.11
C ILE B 402 9.37 -16.58 -42.86
N THR B 403 9.85 -16.67 -41.61
CA THR B 403 11.17 -16.18 -41.27
C THR B 403 12.14 -17.36 -41.32
N PRO B 404 13.38 -17.13 -41.80
CA PRO B 404 14.39 -18.18 -41.92
C PRO B 404 14.78 -18.89 -40.63
N VAL B 405 14.84 -18.15 -39.52
CA VAL B 405 15.22 -18.73 -38.21
C VAL B 405 14.34 -19.91 -37.83
N PHE B 406 13.08 -19.87 -38.22
CA PHE B 406 12.15 -20.96 -37.91
C PHE B 406 12.70 -22.29 -38.39
N HIS B 407 13.42 -22.25 -39.51
CA HIS B 407 13.99 -23.44 -40.16
C HIS B 407 15.43 -23.79 -39.85
N GLN B 408 16.06 -23.06 -38.93
CA GLN B 408 17.45 -23.35 -38.57
C GLN B 408 17.44 -24.07 -37.23
N GLU B 409 18.09 -25.24 -37.19
CA GLU B 409 18.17 -25.98 -35.94
C GLU B 409 19.09 -25.19 -35.04
N MET B 410 18.89 -25.30 -33.73
CA MET B 410 19.66 -24.53 -32.77
C MET B 410 19.94 -25.22 -31.45
N LEU B 411 21.11 -24.91 -30.90
CA LEU B 411 21.55 -25.43 -29.62
C LEU B 411 21.63 -24.26 -28.65
N ASN B 412 20.87 -24.37 -27.57
CA ASN B 412 20.82 -23.34 -26.53
C ASN B 412 21.71 -23.84 -25.40
N TYR B 413 22.59 -22.96 -24.90
CA TYR B 413 23.48 -23.32 -23.79
C TYR B 413 24.06 -22.08 -23.12
N VAL B 414 24.20 -22.13 -21.79
CA VAL B 414 24.71 -21.01 -21.02
C VAL B 414 26.23 -20.91 -21.01
N LEU B 415 26.79 -19.89 -21.64
CA LEU B 415 28.23 -19.74 -21.61
C LEU B 415 28.57 -18.68 -20.56
N SER B 416 29.64 -17.93 -20.83
CA SER B 416 30.09 -16.88 -19.94
C SER B 416 31.13 -15.99 -20.62
N PRO B 417 31.07 -14.66 -20.37
CA PRO B 417 30.13 -13.95 -19.49
C PRO B 417 28.67 -14.14 -19.89
N PHE B 418 27.75 -13.72 -19.02
CA PHE B 418 26.35 -13.95 -19.32
C PHE B 418 25.35 -13.04 -18.57
N TYR B 419 24.18 -12.83 -19.18
CA TYR B 419 23.13 -12.00 -18.60
C TYR B 419 22.06 -12.91 -18.00
N TYR B 420 22.11 -13.11 -16.68
CA TYR B 420 21.13 -13.95 -15.98
C TYR B 420 19.96 -13.19 -15.43
N TYR B 421 18.83 -13.86 -15.31
CA TYR B 421 17.65 -13.26 -14.72
C TYR B 421 17.98 -13.22 -13.24
N GLN B 422 17.12 -12.59 -12.45
CA GLN B 422 17.32 -12.50 -11.02
C GLN B 422 15.97 -12.66 -10.35
N ILE B 423 15.97 -12.86 -9.04
CA ILE B 423 14.73 -12.99 -8.29
C ILE B 423 14.22 -11.57 -8.05
N GLU B 424 12.91 -11.38 -8.12
CA GLU B 424 12.34 -10.06 -7.89
C GLU B 424 12.87 -9.59 -6.56
N PRO B 425 13.58 -8.45 -6.54
CA PRO B 425 14.16 -7.90 -5.31
C PRO B 425 13.14 -7.68 -4.17
N TRP B 426 11.90 -7.31 -4.48
CA TRP B 426 10.93 -7.09 -3.42
C TRP B 426 10.48 -8.38 -2.74
N LYS B 427 11.19 -9.46 -3.01
CA LYS B 427 10.90 -10.77 -2.40
C LYS B 427 12.12 -11.28 -1.65
N THR B 428 13.23 -10.55 -1.72
CA THR B 428 14.48 -10.95 -1.05
C THR B 428 15.18 -9.78 -0.38
N HIS B 429 14.52 -8.63 -0.37
CA HIS B 429 15.10 -7.46 0.25
C HIS B 429 14.64 -7.36 1.70
N ILE B 430 15.58 -7.52 2.61
CA ILE B 430 15.31 -7.41 4.04
C ILE B 430 15.15 -5.93 4.37
N TRP B 431 13.92 -5.44 4.24
CA TRP B 431 13.61 -4.03 4.48
C TRP B 431 14.05 -3.54 5.85
N GLN B 432 14.86 -2.47 5.86
CA GLN B 432 15.39 -1.88 7.09
C GLN B 432 14.30 -1.27 7.99
N ASN B 433 14.63 -0.15 8.63
CA ASN B 433 13.70 0.54 9.51
C ASN B 433 12.56 1.19 8.73
#